data_4TN3
#
_entry.id   4TN3
#
_cell.length_a   124.118
_cell.length_b   59.745
_cell.length_c   146.962
_cell.angle_alpha   90.00
_cell.angle_beta   94.77
_cell.angle_gamma   90.00
#
_symmetry.space_group_name_H-M   'C 1 2 1'
#
loop_
_entity.id
_entity.type
_entity.pdbx_description
1 polymer 'TRIM5/cyclophilin A fusion protein/T4 Lysozyme chimera'
2 non-polymer 'ZINC ION'
#
_entity_poly.entity_id   1
_entity_poly.type   'polypeptide(L)'
_entity_poly.pdbx_seq_one_letter_code
;MAHHHHHHSAALEVLFQGPGPEEGQKVDHCARHGEKLLLFCQEDSKVICWLCKDSQEHRGHHTFLMEEVAQEYHVKLQTA
LEMLRQKQQEAEKLEADIREEKASWKIQIDYDKTNVSADFEQLREILDWEESNELQNLEKEEEDILKSLTKSETEMVQQT
QYMRELISELEHRLQGSMMDLLQGVDGIIKRIENMTLKKPKTFHKNQRRVFRAPDLKGMLDMFRDAAAEESPVLLAMNIF
EMLRIDEGLRLKIYKNTEGYYTIGIGHLLTKSPSLNAAKSELDKAIGRNTNGVITKDEAEKLFNQDVDAAVRGILRNAKL
KPVYDSLDAVRRAALINMVFQMGETGVAGFTNSLRMLQQKRWDEAAVNLAKSRWYNQTPNRAKRVITTFRTGTWDAYKNL
;
_entity_poly.pdbx_strand_id   A,B
#
# COMPACT_ATOMS: atom_id res chain seq x y z
N VAL A 27 -9.92 83.55 -20.77
CA VAL A 27 -10.22 82.92 -19.50
C VAL A 27 -11.62 82.32 -19.50
N ASP A 28 -12.60 83.11 -19.91
CA ASP A 28 -13.98 82.67 -19.97
C ASP A 28 -14.71 83.38 -21.10
N HIS A 29 -14.34 83.03 -22.33
CA HIS A 29 -14.97 83.57 -23.52
C HIS A 29 -15.07 82.49 -24.57
N CYS A 30 -15.92 82.70 -25.55
CA CYS A 30 -16.03 81.78 -26.67
C CYS A 30 -14.65 81.65 -27.33
N ALA A 31 -14.29 80.41 -27.67
CA ALA A 31 -12.97 80.11 -28.22
C ALA A 31 -12.62 81.02 -29.40
N ARG A 32 -13.48 81.05 -30.40
CA ARG A 32 -13.21 81.76 -31.65
C ARG A 32 -13.76 83.18 -31.65
N HIS A 33 -15.07 83.30 -31.56
CA HIS A 33 -15.76 84.57 -31.73
C HIS A 33 -15.31 85.63 -30.73
N GLY A 34 -14.66 85.19 -29.66
CA GLY A 34 -14.22 86.11 -28.62
C GLY A 34 -15.41 86.86 -28.05
N GLU A 35 -16.34 86.12 -27.45
CA GLU A 35 -17.50 86.72 -26.83
C GLU A 35 -17.89 85.95 -25.56
N LYS A 36 -18.97 86.38 -24.92
CA LYS A 36 -19.38 85.82 -23.64
C LYS A 36 -20.18 84.54 -23.79
N LEU A 37 -19.72 83.49 -23.12
CA LEU A 37 -20.45 82.23 -23.08
C LEU A 37 -21.60 82.36 -22.11
N LEU A 38 -22.82 82.41 -22.63
CA LEU A 38 -24.03 82.60 -21.83
C LEU A 38 -24.98 81.42 -21.98
N LEU A 39 -24.92 80.76 -23.13
CA LEU A 39 -25.97 79.83 -23.51
C LEU A 39 -25.69 78.38 -23.11
N PHE A 40 -26.65 77.52 -23.43
CA PHE A 40 -26.53 76.09 -23.22
C PHE A 40 -27.41 75.37 -24.22
N CYS A 41 -26.78 74.69 -25.18
CA CYS A 41 -27.54 73.91 -26.14
C CYS A 41 -28.06 72.67 -25.44
N GLN A 42 -29.32 72.32 -25.69
CA GLN A 42 -29.89 71.09 -25.15
C GLN A 42 -29.25 69.87 -25.80
N GLU A 43 -29.18 69.87 -27.13
CA GLU A 43 -28.59 68.74 -27.85
C GLU A 43 -27.11 68.57 -27.47
N ASP A 44 -26.25 69.46 -27.96
CA ASP A 44 -24.82 69.36 -27.69
C ASP A 44 -24.50 69.20 -26.21
N SER A 45 -25.38 69.72 -25.37
CA SER A 45 -25.15 69.75 -23.92
C SER A 45 -23.87 70.49 -23.55
N LYS A 46 -23.39 71.33 -24.46
CA LYS A 46 -22.19 72.12 -24.22
C LYS A 46 -22.50 73.62 -24.17
N VAL A 47 -21.61 74.37 -23.54
CA VAL A 47 -21.80 75.80 -23.35
C VAL A 47 -21.27 76.57 -24.56
N ILE A 48 -22.05 77.55 -25.02
CA ILE A 48 -21.68 78.34 -26.18
C ILE A 48 -21.97 79.83 -25.95
N CYS A 49 -21.75 80.64 -26.98
CA CYS A 49 -22.15 82.05 -26.98
C CYS A 49 -23.24 82.26 -28.02
N TRP A 50 -23.75 83.48 -28.13
CA TRP A 50 -24.86 83.72 -29.05
C TRP A 50 -24.39 83.64 -30.51
N LEU A 51 -23.11 83.91 -30.76
CA LEU A 51 -22.60 83.87 -32.13
C LEU A 51 -22.40 82.42 -32.57
N CYS A 52 -22.01 81.58 -31.61
CA CYS A 52 -21.88 80.15 -31.84
C CYS A 52 -23.20 79.53 -32.26
N LYS A 53 -24.29 80.06 -31.71
CA LYS A 53 -25.63 79.54 -31.99
C LYS A 53 -25.93 79.59 -33.50
N ASP A 54 -25.60 80.70 -34.13
CA ASP A 54 -25.84 80.86 -35.56
C ASP A 54 -24.74 80.16 -36.35
N SER A 55 -24.76 78.84 -36.37
CA SER A 55 -23.75 78.06 -37.09
C SER A 55 -24.23 76.64 -37.38
N GLN A 56 -23.34 75.83 -37.94
CA GLN A 56 -23.67 74.48 -38.37
C GLN A 56 -24.17 73.57 -37.26
N GLU A 57 -23.38 73.44 -36.20
CA GLU A 57 -23.64 72.47 -35.17
C GLU A 57 -24.73 72.90 -34.18
N HIS A 58 -25.40 74.01 -34.46
CA HIS A 58 -26.36 74.55 -33.51
C HIS A 58 -27.60 75.19 -34.15
N ARG A 59 -27.88 74.85 -35.40
CA ARG A 59 -29.12 75.32 -36.04
C ARG A 59 -30.25 74.35 -35.74
N GLY A 60 -31.40 74.92 -35.37
CA GLY A 60 -32.55 74.13 -34.97
C GLY A 60 -32.44 73.68 -33.53
N HIS A 61 -31.32 74.01 -32.90
CA HIS A 61 -31.05 73.62 -31.53
C HIS A 61 -31.72 74.54 -30.52
N HIS A 62 -32.41 73.95 -29.55
CA HIS A 62 -32.95 74.71 -28.45
C HIS A 62 -31.82 75.10 -27.51
N THR A 63 -31.82 76.34 -27.05
CA THR A 63 -30.81 76.81 -26.10
C THR A 63 -31.47 77.52 -24.92
N PHE A 64 -30.65 77.81 -23.91
CA PHE A 64 -31.10 78.47 -22.70
C PHE A 64 -29.93 79.23 -22.09
N LEU A 65 -30.21 80.14 -21.17
CA LEU A 65 -29.14 80.76 -20.41
C LEU A 65 -28.71 79.79 -19.34
N MET A 66 -27.46 79.88 -18.92
CA MET A 66 -26.89 78.89 -18.00
C MET A 66 -27.64 78.82 -16.67
N GLU A 67 -28.16 79.96 -16.22
CA GLU A 67 -28.83 80.02 -14.91
C GLU A 67 -30.20 79.37 -14.96
N GLU A 68 -30.81 79.37 -16.14
CA GLU A 68 -32.14 78.80 -16.30
C GLU A 68 -32.11 77.28 -16.18
N VAL A 69 -30.95 76.68 -16.42
CA VAL A 69 -30.78 75.23 -16.33
C VAL A 69 -29.85 74.83 -15.18
N ALA A 70 -28.89 75.69 -14.84
CA ALA A 70 -27.91 75.39 -13.80
C ALA A 70 -28.53 74.78 -12.53
N GLN A 71 -29.09 75.60 -11.65
CA GLN A 71 -29.50 75.09 -10.33
C GLN A 71 -30.38 73.84 -10.37
N GLU A 72 -30.93 73.53 -11.54
CA GLU A 72 -31.75 72.32 -11.71
C GLU A 72 -30.85 71.11 -11.94
N TYR A 73 -29.85 71.27 -12.80
CA TYR A 73 -28.84 70.24 -13.06
C TYR A 73 -28.01 69.93 -11.81
N HIS A 74 -27.61 70.98 -11.10
CA HIS A 74 -26.90 70.82 -9.84
C HIS A 74 -27.58 69.78 -8.96
N VAL A 75 -28.87 69.96 -8.72
CA VAL A 75 -29.63 68.98 -7.95
C VAL A 75 -29.56 67.61 -8.61
N LYS A 76 -29.56 67.59 -9.93
CA LYS A 76 -29.61 66.34 -10.69
C LYS A 76 -28.35 65.51 -10.43
N LEU A 77 -27.21 66.19 -10.31
CA LEU A 77 -25.97 65.50 -9.97
C LEU A 77 -25.82 65.34 -8.47
N GLN A 78 -26.50 66.16 -7.69
CA GLN A 78 -26.47 65.95 -6.24
C GLN A 78 -27.11 64.61 -5.90
N THR A 79 -27.97 64.13 -6.79
CA THR A 79 -28.63 62.84 -6.61
C THR A 79 -27.83 61.73 -7.29
N ALA A 80 -27.22 62.03 -8.42
CA ALA A 80 -26.39 61.07 -9.12
C ALA A 80 -25.19 60.70 -8.27
N LEU A 81 -24.62 61.69 -7.59
CA LEU A 81 -23.48 61.44 -6.72
C LEU A 81 -23.84 60.41 -5.64
N GLU A 82 -24.98 60.59 -5.01
CA GLU A 82 -25.38 59.75 -3.89
C GLU A 82 -25.57 58.29 -4.30
N MET A 83 -26.24 58.06 -5.43
CA MET A 83 -26.42 56.70 -5.94
C MET A 83 -25.10 56.14 -6.39
N LEU A 84 -24.32 56.97 -7.06
CA LEU A 84 -23.02 56.58 -7.57
C LEU A 84 -22.09 56.21 -6.42
N ARG A 85 -22.38 56.71 -5.22
CA ARG A 85 -21.58 56.41 -4.06
C ARG A 85 -21.97 55.07 -3.45
N GLN A 86 -23.23 54.70 -3.60
CA GLN A 86 -23.70 53.40 -3.13
C GLN A 86 -23.11 52.31 -4.01
N LYS A 87 -23.13 52.53 -5.32
CA LYS A 87 -22.59 51.55 -6.25
C LYS A 87 -21.09 51.46 -6.13
N GLN A 88 -20.46 52.46 -5.52
CA GLN A 88 -19.03 52.33 -5.20
C GLN A 88 -18.82 51.40 -4.00
N GLN A 89 -19.85 51.26 -3.16
CA GLN A 89 -19.80 50.31 -2.06
C GLN A 89 -20.09 48.90 -2.58
N GLU A 90 -21.08 48.80 -3.45
CA GLU A 90 -21.49 47.52 -4.03
C GLU A 90 -20.37 46.93 -4.86
N ALA A 91 -19.60 47.79 -5.52
CA ALA A 91 -18.49 47.34 -6.34
C ALA A 91 -17.31 46.95 -5.47
N GLU A 92 -17.23 47.56 -4.29
CA GLU A 92 -16.16 47.26 -3.35
C GLU A 92 -16.50 46.00 -2.54
N LYS A 93 -17.70 45.49 -2.74
CA LYS A 93 -18.15 44.23 -2.16
C LYS A 93 -17.80 43.08 -3.10
N LEU A 94 -18.01 43.31 -4.39
CA LEU A 94 -17.68 42.32 -5.41
C LEU A 94 -16.19 42.06 -5.43
N GLU A 95 -15.41 43.08 -5.07
CA GLU A 95 -13.98 42.90 -4.83
C GLU A 95 -13.79 41.83 -3.77
N ALA A 96 -14.18 42.16 -2.54
CA ALA A 96 -14.12 41.23 -1.42
C ALA A 96 -14.73 39.87 -1.78
N ASP A 97 -15.93 39.89 -2.35
CA ASP A 97 -16.64 38.65 -2.69
C ASP A 97 -15.77 37.60 -3.36
N ILE A 98 -15.05 37.97 -4.41
CA ILE A 98 -14.26 36.98 -5.15
C ILE A 98 -12.89 36.82 -4.47
N ARG A 99 -12.41 37.86 -3.79
CA ARG A 99 -11.21 37.73 -2.96
C ARG A 99 -11.38 36.57 -1.98
N GLU A 100 -12.61 36.34 -1.55
CA GLU A 100 -12.90 35.24 -0.64
C GLU A 100 -12.92 33.93 -1.41
N GLU A 101 -13.49 33.95 -2.61
CA GLU A 101 -13.69 32.72 -3.36
C GLU A 101 -12.35 32.13 -3.81
N LYS A 102 -11.43 33.01 -4.23
CA LYS A 102 -10.08 32.59 -4.53
C LYS A 102 -9.53 31.81 -3.35
N ALA A 103 -9.34 32.50 -2.22
CA ALA A 103 -8.77 31.88 -1.03
C ALA A 103 -9.57 30.66 -0.56
N SER A 104 -10.84 30.59 -0.93
CA SER A 104 -11.67 29.46 -0.53
C SER A 104 -11.28 28.22 -1.30
N TRP A 105 -11.13 28.35 -2.61
CA TRP A 105 -10.75 27.21 -3.45
C TRP A 105 -9.38 26.73 -3.02
N LYS A 106 -8.53 27.68 -2.64
CA LYS A 106 -7.20 27.34 -2.15
C LYS A 106 -7.31 26.32 -1.01
N ILE A 107 -8.33 26.49 -0.17
CA ILE A 107 -8.58 25.53 0.91
C ILE A 107 -9.35 24.32 0.38
N GLN A 108 -10.37 24.56 -0.43
CA GLN A 108 -11.13 23.47 -1.06
C GLN A 108 -10.18 22.47 -1.72
N ILE A 109 -9.27 22.97 -2.54
CA ILE A 109 -8.31 22.10 -3.21
C ILE A 109 -7.37 21.46 -2.18
N ASP A 110 -6.71 22.26 -1.36
CA ASP A 110 -5.75 21.74 -0.38
C ASP A 110 -6.40 20.93 0.74
N TYR A 111 -7.51 20.29 0.42
CA TYR A 111 -8.27 19.45 1.34
C TYR A 111 -8.67 18.22 0.55
N ASP A 112 -9.22 18.44 -0.64
CA ASP A 112 -9.51 17.37 -1.58
C ASP A 112 -8.23 16.66 -1.91
N LYS A 113 -7.12 17.40 -1.86
CA LYS A 113 -5.78 16.83 -2.06
C LYS A 113 -5.44 15.83 -0.96
N THR A 114 -5.41 16.30 0.29
CA THR A 114 -5.13 15.41 1.41
C THR A 114 -6.15 14.26 1.42
N ASN A 115 -7.42 14.58 1.32
CA ASN A 115 -8.46 13.56 1.27
C ASN A 115 -8.16 12.51 0.20
N VAL A 116 -7.80 12.96 -1.00
CA VAL A 116 -7.55 12.04 -2.10
C VAL A 116 -6.32 11.19 -1.80
N SER A 117 -5.26 11.82 -1.29
CA SER A 117 -4.04 11.10 -0.97
C SER A 117 -4.29 10.09 0.15
N ALA A 118 -4.70 10.59 1.31
CA ALA A 118 -4.94 9.72 2.47
C ALA A 118 -5.86 8.54 2.12
N ASP A 119 -6.83 8.78 1.25
CA ASP A 119 -7.71 7.71 0.78
C ASP A 119 -6.90 6.57 0.20
N PHE A 120 -6.04 6.88 -0.76
CA PHE A 120 -5.16 5.90 -1.37
C PHE A 120 -4.30 5.21 -0.31
N GLU A 121 -3.86 5.98 0.69
CA GLU A 121 -3.00 5.43 1.74
C GLU A 121 -3.68 4.26 2.43
N GLN A 122 -4.98 4.34 2.61
CA GLN A 122 -5.73 3.24 3.22
C GLN A 122 -5.84 2.08 2.25
N LEU A 123 -5.96 2.37 0.96
CA LEU A 123 -5.95 1.31 -0.05
C LEU A 123 -4.58 0.63 -0.05
N ARG A 124 -3.53 1.42 0.10
CA ARG A 124 -2.18 0.90 0.14
C ARG A 124 -1.99 0.04 1.40
N GLU A 125 -2.86 0.22 2.39
CA GLU A 125 -2.83 -0.59 3.60
C GLU A 125 -3.53 -1.94 3.39
N ILE A 126 -4.75 -1.91 2.85
CA ILE A 126 -5.51 -3.15 2.70
C ILE A 126 -4.77 -4.13 1.82
N LEU A 127 -3.90 -3.62 0.95
CA LEU A 127 -3.04 -4.46 0.13
C LEU A 127 -1.92 -5.07 0.97
N ASP A 128 -1.41 -4.33 1.96
CA ASP A 128 -0.34 -4.84 2.80
C ASP A 128 -0.82 -5.97 3.71
N TRP A 129 -2.09 -5.89 4.12
CA TRP A 129 -2.68 -6.96 4.93
C TRP A 129 -2.96 -8.17 4.05
N GLU A 130 -3.58 -7.94 2.90
CA GLU A 130 -3.91 -9.01 1.97
C GLU A 130 -2.64 -9.69 1.47
N GLU A 131 -1.51 -9.00 1.56
CA GLU A 131 -0.23 -9.59 1.16
C GLU A 131 0.16 -10.65 2.19
N SER A 132 0.57 -10.19 3.36
CA SER A 132 1.03 -11.07 4.43
C SER A 132 0.00 -12.15 4.76
N ASN A 133 -1.27 -11.85 4.51
CA ASN A 133 -2.31 -12.85 4.67
C ASN A 133 -2.07 -14.00 3.71
N GLU A 134 -1.99 -13.68 2.42
CA GLU A 134 -1.78 -14.68 1.39
C GLU A 134 -0.43 -15.37 1.55
N LEU A 135 0.53 -14.67 2.15
CA LEU A 135 1.85 -15.26 2.37
C LEU A 135 1.81 -16.32 3.48
N GLN A 136 1.06 -16.04 4.54
CA GLN A 136 0.98 -16.97 5.65
C GLN A 136 0.12 -18.18 5.30
N ASN A 137 -0.72 -18.04 4.28
CA ASN A 137 -1.45 -19.19 3.75
C ASN A 137 -0.51 -20.13 2.99
N LEU A 138 0.63 -19.59 2.57
CA LEU A 138 1.68 -20.40 1.96
C LEU A 138 2.69 -20.80 3.02
N GLU A 139 2.71 -20.08 4.13
CA GLU A 139 3.54 -20.46 5.27
C GLU A 139 2.85 -21.56 6.06
N LYS A 140 1.55 -21.72 5.82
CA LYS A 140 0.78 -22.81 6.43
C LYS A 140 1.03 -24.11 5.68
N GLU A 141 1.22 -24.02 4.37
CA GLU A 141 1.55 -25.18 3.57
C GLU A 141 2.97 -25.63 3.85
N GLU A 142 3.80 -24.68 4.27
CA GLU A 142 5.16 -24.99 4.69
C GLU A 142 5.17 -25.46 6.15
N GLU A 143 3.98 -25.53 6.75
CA GLU A 143 3.81 -26.10 8.09
C GLU A 143 3.22 -27.50 7.99
N ASP A 144 2.18 -27.63 7.17
CA ASP A 144 1.48 -28.90 7.01
C ASP A 144 2.37 -29.95 6.33
N ILE A 145 2.80 -29.65 5.11
CA ILE A 145 3.58 -30.59 4.33
C ILE A 145 4.94 -30.87 4.97
N LEU A 146 5.42 -29.92 5.78
CA LEU A 146 6.71 -30.05 6.44
C LEU A 146 6.62 -30.86 7.74
N LYS A 147 5.41 -30.99 8.27
CA LYS A 147 5.19 -31.78 9.50
C LYS A 147 4.93 -33.24 9.16
N SER A 148 4.39 -33.50 7.97
CA SER A 148 4.28 -34.86 7.47
C SER A 148 5.63 -35.33 6.94
N LEU A 149 6.62 -34.44 7.04
CA LEU A 149 7.98 -34.72 6.56
C LEU A 149 8.81 -35.38 7.64
N THR A 150 9.01 -34.67 8.75
CA THR A 150 9.86 -35.16 9.83
C THR A 150 9.28 -36.43 10.47
N LYS A 151 7.97 -36.64 10.32
CA LYS A 151 7.33 -37.84 10.84
C LYS A 151 7.69 -39.07 9.99
N SER A 152 7.36 -39.03 8.70
CA SER A 152 7.71 -40.12 7.79
C SER A 152 9.21 -40.11 7.48
N GLU A 153 9.94 -39.17 8.07
CA GLU A 153 11.40 -39.19 8.03
C GLU A 153 11.93 -40.12 9.12
N THR A 154 11.74 -39.73 10.37
CA THR A 154 12.20 -40.51 11.51
C THR A 154 11.69 -41.94 11.43
N GLU A 155 10.50 -42.13 10.88
CA GLU A 155 9.94 -43.46 10.71
C GLU A 155 10.80 -44.32 9.79
N MET A 156 11.12 -43.80 8.61
CA MET A 156 11.90 -44.56 7.64
C MET A 156 13.40 -44.33 7.80
N VAL A 157 13.78 -43.56 8.82
CA VAL A 157 15.20 -43.38 9.17
C VAL A 157 15.63 -44.48 10.14
N GLN A 158 14.70 -44.93 10.98
CA GLN A 158 14.95 -46.08 11.84
C GLN A 158 14.87 -47.37 11.01
N GLN A 159 14.01 -47.36 10.00
CA GLN A 159 13.89 -48.48 9.07
C GLN A 159 15.20 -48.74 8.34
N THR A 160 16.08 -47.73 8.36
CA THR A 160 17.40 -47.86 7.76
C THR A 160 18.38 -48.49 8.75
N GLN A 161 18.37 -48.00 9.99
CA GLN A 161 19.32 -48.49 11.00
C GLN A 161 18.88 -49.84 11.54
N TYR A 162 17.58 -50.06 11.63
CA TYR A 162 17.06 -51.37 12.00
C TYR A 162 17.53 -52.41 10.98
N MET A 163 17.81 -51.94 9.77
CA MET A 163 18.38 -52.81 8.74
C MET A 163 19.83 -53.13 9.07
N ARG A 164 20.58 -52.11 9.49
CA ARG A 164 21.96 -52.31 9.92
C ARG A 164 22.02 -53.08 11.23
N GLU A 165 20.88 -53.14 11.92
CA GLU A 165 20.78 -53.91 13.16
C GLU A 165 20.71 -55.39 12.85
N LEU A 166 20.07 -55.74 11.74
CA LEU A 166 19.97 -57.13 11.31
C LEU A 166 21.21 -57.57 10.54
N ILE A 167 21.79 -56.65 9.76
CA ILE A 167 23.02 -56.96 9.04
C ILE A 167 24.15 -57.25 10.04
N SER A 168 24.35 -56.32 10.97
CA SER A 168 25.37 -56.48 12.00
C SER A 168 25.09 -57.72 12.86
N GLU A 169 23.80 -58.02 13.02
CA GLU A 169 23.37 -59.20 13.76
C GLU A 169 23.85 -60.47 13.05
N LEU A 170 23.41 -60.66 11.80
CA LEU A 170 23.77 -61.84 11.03
C LEU A 170 25.27 -61.91 10.85
N GLU A 171 25.90 -60.75 10.62
CA GLU A 171 27.34 -60.70 10.37
C GLU A 171 28.14 -61.28 11.54
N HIS A 172 27.58 -61.17 12.74
CA HIS A 172 28.22 -61.72 13.93
C HIS A 172 27.53 -63.01 14.37
N ARG A 173 26.30 -63.19 13.91
CA ARG A 173 25.61 -64.46 14.06
C ARG A 173 26.39 -65.58 13.36
N LEU A 174 26.99 -65.23 12.23
CA LEU A 174 27.82 -66.17 11.48
C LEU A 174 29.17 -66.34 12.20
N GLN A 175 30.23 -65.78 11.62
CA GLN A 175 31.58 -65.92 12.17
C GLN A 175 31.95 -67.38 12.40
N MET A 178 29.20 -73.11 16.00
CA MET A 178 27.84 -73.39 15.54
C MET A 178 26.79 -72.80 16.47
N MET A 179 27.07 -72.85 17.77
CA MET A 179 26.15 -72.35 18.80
C MET A 179 25.58 -71.01 18.39
N ASP A 180 26.41 -70.20 17.76
CA ASP A 180 26.01 -68.88 17.30
C ASP A 180 24.92 -68.99 16.24
N LEU A 181 25.28 -69.51 15.07
CA LEU A 181 24.44 -69.35 13.88
C LEU A 181 23.27 -70.33 13.78
N LEU A 182 22.84 -70.91 14.91
CA LEU A 182 21.80 -71.94 14.87
C LEU A 182 20.73 -71.76 15.93
N GLN A 183 21.07 -71.07 17.02
CA GLN A 183 20.10 -70.77 18.06
C GLN A 183 18.86 -70.12 17.48
N GLY A 184 17.97 -70.94 16.91
CA GLY A 184 16.76 -70.45 16.27
C GLY A 184 17.06 -69.69 14.99
N VAL A 185 16.96 -70.38 13.85
CA VAL A 185 17.26 -69.79 12.54
C VAL A 185 16.09 -69.89 11.56
N ASP A 186 15.28 -70.93 11.72
CA ASP A 186 14.10 -71.12 10.86
C ASP A 186 13.00 -70.10 11.20
N GLY A 187 13.32 -69.16 12.09
CA GLY A 187 12.46 -68.02 12.33
C GLY A 187 12.93 -66.81 11.53
N ILE A 188 14.23 -66.55 11.56
CA ILE A 188 14.81 -65.44 10.78
C ILE A 188 14.55 -65.61 9.29
N ILE A 189 14.47 -66.85 8.84
CA ILE A 189 14.11 -67.14 7.46
C ILE A 189 12.73 -66.56 7.13
N LYS A 190 11.83 -66.59 8.10
CA LYS A 190 10.51 -66.00 7.92
C LYS A 190 10.54 -64.48 8.05
N ARG A 191 11.42 -63.96 8.91
CA ARG A 191 11.58 -62.50 9.05
C ARG A 191 11.95 -61.87 7.72
N ILE A 192 12.95 -62.45 7.06
CA ILE A 192 13.44 -61.93 5.79
C ILE A 192 12.50 -62.28 4.64
N GLU A 193 11.74 -63.35 4.81
CA GLU A 193 10.74 -63.75 3.81
C GLU A 193 9.52 -62.84 3.88
N ASN A 194 9.43 -62.04 4.93
CA ASN A 194 8.33 -61.09 5.10
C ASN A 194 8.87 -59.69 5.32
N MET A 195 10.05 -59.42 4.76
CA MET A 195 10.68 -58.11 4.89
C MET A 195 10.08 -57.14 3.88
N THR A 196 8.84 -56.75 4.12
CA THR A 196 8.15 -55.78 3.26
C THR A 196 8.54 -54.37 3.66
N LEU A 197 8.77 -53.51 2.67
CA LEU A 197 9.23 -52.14 2.92
C LEU A 197 8.07 -51.22 3.29
N PHE A 211 -3.34 -18.00 -6.78
CA PHE A 211 -2.70 -16.70 -6.93
C PHE A 211 -3.73 -15.58 -6.89
N ARG A 212 -3.64 -14.76 -5.85
CA ARG A 212 -4.58 -13.66 -5.63
C ARG A 212 -4.07 -12.37 -6.30
N ALA A 213 -4.77 -11.95 -7.36
CA ALA A 213 -4.38 -10.76 -8.10
C ALA A 213 -5.49 -10.32 -9.06
N PRO A 214 -6.49 -9.58 -8.55
CA PRO A 214 -7.59 -9.18 -9.42
C PRO A 214 -7.21 -8.03 -10.36
N ASP A 215 -8.07 -7.72 -11.31
CA ASP A 215 -7.85 -6.57 -12.18
C ASP A 215 -8.17 -5.29 -11.41
N LEU A 216 -7.26 -4.90 -10.53
CA LEU A 216 -7.45 -3.71 -9.70
C LEU A 216 -7.67 -2.47 -10.55
N LYS A 217 -6.94 -2.40 -11.66
CA LYS A 217 -7.12 -1.30 -12.61
C LYS A 217 -8.55 -1.31 -13.14
N GLY A 218 -9.14 -2.49 -13.25
CA GLY A 218 -10.49 -2.63 -13.74
C GLY A 218 -11.51 -1.98 -12.83
N MET A 219 -11.42 -2.27 -11.54
CA MET A 219 -12.38 -1.74 -10.56
C MET A 219 -12.28 -0.22 -10.46
N LEU A 220 -11.06 0.30 -10.48
CA LEU A 220 -10.86 1.73 -10.41
C LEU A 220 -11.34 2.42 -11.68
N ASP A 221 -11.34 1.69 -12.80
CA ASP A 221 -11.86 2.23 -14.04
C ASP A 221 -13.39 2.28 -14.01
N MET A 222 -13.98 1.43 -13.18
CA MET A 222 -15.42 1.39 -13.03
C MET A 222 -15.90 2.58 -12.18
N PHE A 223 -15.25 2.77 -11.04
CA PHE A 223 -15.59 3.88 -10.14
C PHE A 223 -15.16 5.24 -10.69
N ARG A 224 -14.14 5.24 -11.54
CA ARG A 224 -13.66 6.47 -12.16
C ARG A 224 -14.69 7.02 -13.12
N ASP A 225 -15.51 6.11 -13.65
CA ASP A 225 -16.58 6.49 -14.59
C ASP A 225 -17.48 7.55 -13.96
N ALA A 226 -18.29 7.14 -13.00
CA ALA A 226 -19.16 8.06 -12.29
C ALA A 226 -19.81 7.39 -11.08
N ALA A 227 -20.58 8.17 -10.33
CA ALA A 227 -21.34 7.68 -9.19
C ALA A 227 -22.30 8.76 -8.73
N ALA A 228 -21.77 9.99 -8.65
CA ALA A 228 -22.57 11.16 -8.27
C ALA A 228 -21.75 12.44 -8.47
N GLU A 229 -21.82 12.99 -9.68
CA GLU A 229 -21.11 14.24 -9.99
C GLU A 229 -21.91 15.44 -9.50
N GLU A 230 -21.52 15.97 -8.34
CA GLU A 230 -22.26 17.04 -7.70
C GLU A 230 -21.42 18.28 -7.48
N SER A 231 -22.03 19.34 -6.96
CA SER A 231 -21.36 20.60 -6.68
C SER A 231 -20.29 20.42 -5.58
N PRO A 232 -19.48 21.47 -5.35
CA PRO A 232 -18.53 21.45 -4.22
C PRO A 232 -19.17 21.07 -2.88
N VAL A 233 -18.35 20.67 -1.93
CA VAL A 233 -18.83 20.17 -0.65
C VAL A 233 -18.24 20.99 0.49
N LEU A 234 -17.80 22.20 0.18
CA LEU A 234 -17.15 23.06 1.17
C LEU A 234 -17.58 24.52 1.02
N LEU A 235 -18.10 24.88 -0.16
CA LEU A 235 -18.65 26.21 -0.36
C LEU A 235 -19.98 26.15 -1.10
N ALA A 236 -20.67 25.01 -0.99
CA ALA A 236 -22.03 24.87 -1.50
C ALA A 236 -23.03 25.22 -0.41
N MET A 237 -22.69 26.23 0.39
CA MET A 237 -23.51 26.70 1.49
C MET A 237 -22.81 27.90 2.14
N ASN A 238 -23.52 28.67 2.95
CA ASN A 238 -22.97 29.88 3.55
C ASN A 238 -23.56 30.18 4.93
N ILE A 239 -23.08 31.25 5.55
CA ILE A 239 -23.58 31.67 6.86
C ILE A 239 -25.09 31.86 6.85
N PHE A 240 -25.64 32.23 5.70
CA PHE A 240 -27.08 32.44 5.58
C PHE A 240 -27.83 31.12 5.61
N GLU A 241 -27.48 30.21 4.70
CA GLU A 241 -28.10 28.88 4.68
C GLU A 241 -27.82 28.14 5.96
N MET A 242 -26.71 28.47 6.60
CA MET A 242 -26.41 27.97 7.94
C MET A 242 -27.56 28.29 8.89
N LEU A 243 -27.78 29.60 9.09
CA LEU A 243 -28.72 30.08 10.09
C LEU A 243 -30.17 29.86 9.64
N ARG A 244 -30.40 29.79 8.34
CA ARG A 244 -31.74 29.44 7.86
C ARG A 244 -32.13 28.07 8.40
N ILE A 245 -31.15 27.19 8.53
CA ILE A 245 -31.38 25.84 9.03
C ILE A 245 -31.37 25.81 10.56
N ASP A 246 -30.56 26.68 11.16
CA ASP A 246 -30.41 26.71 12.61
C ASP A 246 -31.53 27.49 13.30
N GLU A 247 -32.07 28.50 12.62
CA GLU A 247 -33.08 29.39 13.21
C GLU A 247 -34.45 29.23 12.59
N GLY A 248 -34.50 28.70 11.37
CA GLY A 248 -35.74 28.56 10.64
C GLY A 248 -36.31 29.92 10.28
N LEU A 249 -37.17 29.95 9.27
CA LEU A 249 -37.84 31.19 8.86
C LEU A 249 -39.29 31.13 9.27
N ARG A 250 -39.72 32.09 10.09
CA ARG A 250 -41.06 32.08 10.67
C ARG A 250 -41.72 33.47 10.54
N LEU A 251 -42.80 33.54 9.76
CA LEU A 251 -43.39 34.83 9.37
C LEU A 251 -44.23 35.52 10.45
N LYS A 252 -44.89 34.74 11.30
CA LYS A 252 -45.74 35.32 12.35
C LYS A 252 -45.05 35.15 13.69
N ILE A 253 -45.10 36.19 14.52
CA ILE A 253 -44.40 36.22 15.81
C ILE A 253 -44.63 34.95 16.64
N TYR A 254 -43.53 34.37 17.10
CA TYR A 254 -43.53 33.18 17.94
C TYR A 254 -42.68 33.44 19.18
N LYS A 255 -42.60 32.47 20.07
CA LYS A 255 -41.78 32.60 21.27
C LYS A 255 -40.44 31.88 21.12
N ASN A 256 -39.42 32.41 21.80
CA ASN A 256 -38.06 31.94 21.64
C ASN A 256 -37.83 30.58 22.30
N THR A 257 -36.63 30.05 22.12
CA THR A 257 -36.16 28.90 22.90
C THR A 257 -36.12 29.30 24.37
N GLU A 258 -35.87 30.58 24.60
CA GLU A 258 -35.81 31.14 25.94
C GLU A 258 -37.19 31.58 26.41
N GLY A 259 -38.11 31.78 25.47
CA GLY A 259 -39.48 32.18 25.77
C GLY A 259 -39.85 33.54 25.23
N TYR A 260 -38.87 34.30 24.77
CA TYR A 260 -39.08 35.67 24.32
C TYR A 260 -39.71 35.73 22.93
N TYR A 261 -40.31 36.87 22.58
CA TYR A 261 -40.94 37.03 21.27
C TYR A 261 -39.89 37.26 20.20
N THR A 262 -40.06 36.55 19.08
CA THR A 262 -39.09 36.61 17.98
C THR A 262 -39.82 36.36 16.66
N ILE A 263 -39.18 36.76 15.56
CA ILE A 263 -39.82 36.68 14.26
C ILE A 263 -38.80 36.42 13.16
N GLY A 264 -39.29 35.83 12.08
CA GLY A 264 -38.48 35.61 10.89
C GLY A 264 -37.32 34.71 11.18
N ILE A 265 -36.20 34.99 10.52
CA ILE A 265 -35.00 34.17 10.71
C ILE A 265 -34.36 34.47 12.06
N GLY A 266 -35.03 33.99 13.11
CA GLY A 266 -34.59 34.18 14.48
C GLY A 266 -34.18 35.60 14.87
N HIS A 267 -35.05 36.58 14.65
CA HIS A 267 -34.79 37.94 15.08
C HIS A 267 -35.48 38.22 16.41
N LEU A 268 -34.70 38.57 17.44
CA LEU A 268 -35.28 38.85 18.76
C LEU A 268 -35.99 40.21 18.76
N LEU A 269 -37.18 40.26 19.34
CA LEU A 269 -37.98 41.48 19.38
C LEU A 269 -37.88 42.18 20.73
N THR A 270 -38.23 41.47 21.80
CA THR A 270 -38.28 42.08 23.12
C THR A 270 -38.48 41.03 24.20
N LYS A 271 -37.84 41.25 25.34
CA LYS A 271 -37.95 40.31 26.47
C LYS A 271 -39.33 40.39 27.11
N SER A 272 -40.02 41.52 26.89
CA SER A 272 -41.32 41.77 27.49
C SER A 272 -42.35 40.67 27.18
N PRO A 273 -43.29 40.44 28.11
CA PRO A 273 -44.33 39.43 27.86
C PRO A 273 -45.47 39.95 26.99
N SER A 274 -45.49 41.27 26.74
CA SER A 274 -46.53 41.87 25.93
C SER A 274 -46.35 41.53 24.45
N LEU A 275 -47.25 40.72 23.91
CA LEU A 275 -47.28 40.43 22.48
C LEU A 275 -47.40 41.73 21.70
N ASN A 276 -48.19 42.66 22.22
CA ASN A 276 -48.35 43.96 21.58
C ASN A 276 -47.03 44.72 21.57
N ALA A 277 -46.33 44.72 22.70
CA ALA A 277 -45.06 45.44 22.78
C ALA A 277 -44.11 44.89 21.74
N ALA A 278 -44.17 43.57 21.54
CA ALA A 278 -43.34 42.89 20.57
C ALA A 278 -43.84 43.21 19.17
N LYS A 279 -45.16 43.35 19.05
CA LYS A 279 -45.76 43.83 17.81
C LYS A 279 -45.31 45.26 17.54
N SER A 280 -45.22 46.05 18.60
CA SER A 280 -44.84 47.45 18.47
C SER A 280 -43.42 47.56 17.93
N GLU A 281 -42.50 46.82 18.55
CA GLU A 281 -41.11 46.77 18.12
C GLU A 281 -41.02 46.31 16.67
N LEU A 282 -41.85 45.34 16.31
CA LEU A 282 -41.90 44.83 14.95
C LEU A 282 -42.38 45.93 14.02
N ASP A 283 -43.55 46.49 14.34
CA ASP A 283 -44.10 47.63 13.60
C ASP A 283 -43.05 48.71 13.41
N LYS A 284 -42.29 48.98 14.47
CA LYS A 284 -41.21 49.95 14.42
C LYS A 284 -40.04 49.43 13.58
N ALA A 285 -39.83 48.12 13.63
CA ALA A 285 -38.68 47.52 12.96
C ALA A 285 -38.89 47.41 11.45
N ILE A 286 -40.12 47.07 11.06
CA ILE A 286 -40.43 46.84 9.65
C ILE A 286 -40.70 48.15 8.92
N GLY A 287 -41.25 49.12 9.64
CA GLY A 287 -41.59 50.39 9.05
C GLY A 287 -43.00 50.38 8.47
N ARG A 288 -43.88 49.58 9.08
CA ARG A 288 -45.29 49.59 8.73
C ARG A 288 -46.11 48.91 9.81
N ASN A 289 -47.42 48.77 9.58
CA ASN A 289 -48.31 48.18 10.56
C ASN A 289 -48.43 46.67 10.34
N THR A 290 -47.47 45.95 10.90
CA THR A 290 -47.33 44.51 10.69
C THR A 290 -48.41 43.69 11.38
N ASN A 291 -48.59 43.97 12.67
CA ASN A 291 -49.56 43.27 13.52
C ASN A 291 -49.07 41.89 13.92
N GLY A 292 -47.75 41.72 13.96
CA GLY A 292 -47.15 40.46 14.38
C GLY A 292 -47.05 39.44 13.26
N VAL A 293 -47.03 39.91 12.02
CA VAL A 293 -46.84 39.03 10.87
C VAL A 293 -46.23 39.83 9.73
N ILE A 294 -45.38 39.18 8.93
CA ILE A 294 -44.61 39.90 7.92
C ILE A 294 -44.46 39.07 6.65
N THR A 295 -44.03 39.72 5.58
CA THR A 295 -43.69 39.02 4.34
C THR A 295 -42.35 38.29 4.48
N LYS A 296 -42.11 37.33 3.61
CA LYS A 296 -40.82 36.64 3.59
C LYS A 296 -39.74 37.63 3.18
N ASP A 297 -40.10 38.53 2.26
CA ASP A 297 -39.17 39.53 1.74
C ASP A 297 -38.60 40.36 2.87
N GLU A 298 -39.48 40.74 3.80
CA GLU A 298 -39.08 41.51 4.96
C GLU A 298 -38.36 40.64 5.98
N ALA A 299 -38.82 39.41 6.14
CA ALA A 299 -38.17 38.45 7.02
C ALA A 299 -36.69 38.34 6.64
N GLU A 300 -36.43 38.40 5.34
CA GLU A 300 -35.06 38.38 4.83
C GLU A 300 -34.30 39.65 5.19
N LYS A 301 -34.90 40.80 4.94
CA LYS A 301 -34.27 42.08 5.24
C LYS A 301 -33.72 42.06 6.66
N LEU A 302 -34.56 41.67 7.61
CA LEU A 302 -34.18 41.65 9.01
C LEU A 302 -32.97 40.75 9.19
N PHE A 303 -32.96 39.66 8.46
CA PHE A 303 -31.92 38.66 8.60
C PHE A 303 -30.58 39.19 8.09
N ASN A 304 -30.59 39.76 6.89
CA ASN A 304 -29.39 40.39 6.36
C ASN A 304 -28.81 41.37 7.38
N GLN A 305 -29.68 42.17 7.97
CA GLN A 305 -29.29 43.16 8.98
C GLN A 305 -28.75 42.50 10.23
N ASP A 306 -29.45 41.48 10.73
CA ASP A 306 -29.04 40.79 11.94
C ASP A 306 -27.68 40.14 11.76
N VAL A 307 -27.47 39.53 10.60
CA VAL A 307 -26.16 38.99 10.25
C VAL A 307 -25.15 40.12 10.23
N ASP A 308 -25.35 41.07 9.32
CA ASP A 308 -24.41 42.16 9.10
C ASP A 308 -24.16 42.97 10.36
N ALA A 309 -25.19 43.11 11.20
CA ALA A 309 -25.04 43.83 12.45
C ALA A 309 -24.15 43.06 13.40
N ALA A 310 -24.35 41.76 13.44
CA ALA A 310 -23.53 40.90 14.29
C ALA A 310 -22.06 41.03 13.88
N VAL A 311 -21.81 40.87 12.59
CA VAL A 311 -20.44 40.96 12.05
C VAL A 311 -19.71 42.19 12.55
N ARG A 312 -20.36 43.34 12.46
CA ARG A 312 -19.76 44.58 12.96
C ARG A 312 -19.50 44.49 14.46
N GLY A 313 -20.29 43.67 15.16
CA GLY A 313 -20.07 43.44 16.57
C GLY A 313 -18.79 42.67 16.83
N ILE A 314 -18.39 41.87 15.84
CA ILE A 314 -17.18 41.07 15.95
C ILE A 314 -15.96 41.88 15.55
N LEU A 315 -16.13 42.74 14.55
CA LEU A 315 -15.03 43.56 14.05
C LEU A 315 -14.62 44.61 15.08
N ARG A 316 -15.55 44.98 15.96
CA ARG A 316 -15.29 45.99 16.99
C ARG A 316 -14.79 45.35 18.29
N ASN A 317 -15.20 44.11 18.54
CA ASN A 317 -14.80 43.40 19.74
C ASN A 317 -13.35 42.93 19.63
N ALA A 318 -12.54 43.31 20.62
CA ALA A 318 -11.10 43.11 20.56
C ALA A 318 -10.67 41.65 20.74
N LYS A 319 -11.54 40.85 21.38
CA LYS A 319 -11.21 39.47 21.70
C LYS A 319 -11.61 38.50 20.59
N LEU A 320 -12.55 38.92 19.75
CA LEU A 320 -13.13 38.03 18.76
C LEU A 320 -12.38 38.08 17.41
N LYS A 321 -12.16 39.28 16.90
CA LYS A 321 -11.65 39.48 15.54
C LYS A 321 -10.42 38.64 15.20
N PRO A 322 -9.40 38.61 16.09
CA PRO A 322 -8.20 37.84 15.77
C PRO A 322 -8.51 36.39 15.43
N VAL A 323 -9.52 35.83 16.09
CA VAL A 323 -9.91 34.45 15.85
C VAL A 323 -10.64 34.33 14.52
N TYR A 324 -11.34 35.40 14.12
CA TYR A 324 -12.07 35.40 12.87
C TYR A 324 -11.12 35.28 11.68
N ASP A 325 -10.12 36.16 11.63
CA ASP A 325 -9.18 36.20 10.52
C ASP A 325 -8.36 34.91 10.43
N SER A 326 -8.30 34.17 11.53
CA SER A 326 -7.48 32.97 11.61
C SER A 326 -8.11 31.76 10.94
N LEU A 327 -9.44 31.73 10.91
CA LEU A 327 -10.19 30.55 10.48
C LEU A 327 -10.58 30.58 9.01
N ASP A 328 -10.91 29.41 8.48
CA ASP A 328 -11.38 29.31 7.11
C ASP A 328 -12.86 29.68 7.05
N ALA A 329 -13.36 29.93 5.84
CA ALA A 329 -14.73 30.41 5.65
C ALA A 329 -15.77 29.54 6.35
N VAL A 330 -15.60 28.22 6.25
CA VAL A 330 -16.55 27.27 6.79
C VAL A 330 -16.65 27.38 8.32
N ARG A 331 -15.64 28.00 8.92
CA ARG A 331 -15.62 28.24 10.36
C ARG A 331 -15.86 29.71 10.68
N ARG A 332 -15.46 30.59 9.75
CA ARG A 332 -15.73 32.01 9.90
C ARG A 332 -17.23 32.25 10.06
N ALA A 333 -18.01 31.38 9.42
CA ALA A 333 -19.46 31.45 9.53
C ALA A 333 -19.94 30.91 10.88
N ALA A 334 -19.21 29.92 11.40
CA ALA A 334 -19.59 29.29 12.67
C ALA A 334 -19.41 30.25 13.84
N LEU A 335 -18.50 31.20 13.69
CA LEU A 335 -18.30 32.21 14.72
C LEU A 335 -19.49 33.18 14.67
N ILE A 336 -19.87 33.61 13.47
CA ILE A 336 -21.02 34.49 13.30
C ILE A 336 -22.25 33.86 13.93
N ASN A 337 -22.40 32.54 13.76
CA ASN A 337 -23.52 31.80 14.34
C ASN A 337 -23.58 31.95 15.86
N MET A 338 -22.47 31.68 16.53
CA MET A 338 -22.42 31.82 17.98
C MET A 338 -22.63 33.26 18.41
N VAL A 339 -22.26 34.21 17.55
CA VAL A 339 -22.46 35.63 17.85
C VAL A 339 -23.91 36.03 17.57
N PHE A 340 -24.42 35.58 16.44
CA PHE A 340 -25.81 35.83 16.04
C PHE A 340 -26.78 35.33 17.10
N GLN A 341 -26.37 34.29 17.82
CA GLN A 341 -27.21 33.67 18.83
C GLN A 341 -27.17 34.41 20.16
N MET A 342 -26.00 34.44 20.79
CA MET A 342 -25.85 34.96 22.15
C MET A 342 -25.00 36.23 22.22
N GLY A 343 -24.88 36.94 21.10
CA GLY A 343 -24.29 38.26 21.08
C GLY A 343 -22.80 38.34 21.37
N GLU A 344 -22.21 39.49 21.04
CA GLU A 344 -20.77 39.73 21.16
C GLU A 344 -20.19 39.32 22.50
N THR A 345 -20.59 40.05 23.54
CA THR A 345 -20.04 39.90 24.87
C THR A 345 -20.09 38.45 25.36
N GLY A 346 -21.07 37.70 24.87
CA GLY A 346 -21.27 36.32 25.28
C GLY A 346 -20.29 35.33 24.67
N VAL A 347 -19.77 35.65 23.49
CA VAL A 347 -18.85 34.76 22.80
C VAL A 347 -17.41 35.00 23.28
N ALA A 348 -17.10 36.26 23.58
CA ALA A 348 -15.77 36.64 24.03
C ALA A 348 -15.36 35.87 25.29
N GLY A 349 -16.34 35.37 26.03
CA GLY A 349 -16.09 34.65 27.26
C GLY A 349 -15.48 33.27 27.05
N PHE A 350 -15.60 32.74 25.85
CA PHE A 350 -15.10 31.39 25.55
C PHE A 350 -13.59 31.39 25.30
N THR A 351 -12.86 32.16 26.12
CA THR A 351 -11.42 32.35 25.92
C THR A 351 -10.68 31.02 25.81
N ASN A 352 -11.09 30.04 26.62
CA ASN A 352 -10.48 28.72 26.58
C ASN A 352 -10.69 28.05 25.23
N SER A 353 -11.83 28.34 24.61
CA SER A 353 -12.17 27.76 23.32
C SER A 353 -11.60 28.60 22.17
N LEU A 354 -11.60 29.92 22.35
CA LEU A 354 -11.06 30.83 21.33
C LEU A 354 -9.57 30.62 21.13
N ARG A 355 -8.91 29.96 22.07
CA ARG A 355 -7.48 29.71 21.98
C ARG A 355 -7.18 28.53 21.05
N MET A 356 -7.72 27.36 21.38
CA MET A 356 -7.53 26.15 20.59
C MET A 356 -7.84 26.32 19.10
N LEU A 357 -8.95 27.01 18.82
CA LEU A 357 -9.43 27.16 17.45
C LEU A 357 -8.50 28.05 16.65
N GLN A 358 -7.86 29.00 17.33
CA GLN A 358 -6.86 29.85 16.70
C GLN A 358 -5.55 29.07 16.54
N GLN A 359 -5.21 28.28 17.56
CA GLN A 359 -4.09 27.35 17.47
C GLN A 359 -4.51 26.14 16.63
N LYS A 360 -5.80 26.10 16.28
CA LYS A 360 -6.33 25.10 15.35
C LYS A 360 -6.19 23.67 15.87
N ARG A 361 -6.50 23.50 17.15
CA ARG A 361 -6.65 22.18 17.75
C ARG A 361 -8.14 21.81 17.75
N TRP A 362 -8.55 21.09 16.72
CA TRP A 362 -9.97 20.92 16.43
C TRP A 362 -10.69 19.97 17.38
N ASP A 363 -10.30 18.71 17.39
CA ASP A 363 -11.00 17.70 18.18
C ASP A 363 -11.12 18.08 19.66
N GLU A 364 -10.18 18.90 20.14
CA GLU A 364 -10.17 19.32 21.53
C GLU A 364 -11.10 20.50 21.80
N ALA A 365 -11.12 21.46 20.88
CA ALA A 365 -11.99 22.62 20.99
C ALA A 365 -13.46 22.21 21.04
N ALA A 366 -13.78 21.09 20.41
CA ALA A 366 -15.13 20.53 20.42
C ALA A 366 -15.52 20.08 21.84
N VAL A 367 -14.56 19.52 22.56
CA VAL A 367 -14.82 19.00 23.90
C VAL A 367 -14.88 20.11 24.95
N ASN A 368 -14.13 21.18 24.73
CA ASN A 368 -14.10 22.30 25.65
C ASN A 368 -15.35 23.17 25.55
N LEU A 369 -15.92 23.23 24.34
CA LEU A 369 -17.14 24.00 24.12
C LEU A 369 -18.36 23.30 24.71
N ALA A 370 -18.27 21.98 24.83
CA ALA A 370 -19.37 21.18 25.36
C ALA A 370 -19.54 21.39 26.86
N LYS A 371 -18.51 21.95 27.50
CA LYS A 371 -18.54 22.17 28.95
C LYS A 371 -19.14 23.53 29.32
N SER A 372 -19.47 24.34 28.31
CA SER A 372 -20.07 25.64 28.55
C SER A 372 -21.58 25.53 28.61
N ARG A 373 -22.21 26.46 29.33
CA ARG A 373 -23.66 26.47 29.49
C ARG A 373 -24.37 26.58 28.15
N TRP A 374 -23.70 27.20 27.17
CA TRP A 374 -24.26 27.37 25.83
C TRP A 374 -24.57 26.03 25.18
N TYR A 375 -23.77 25.02 25.49
CA TYR A 375 -24.01 23.67 24.99
C TYR A 375 -25.22 23.06 25.71
N ASN A 376 -25.27 23.23 27.03
CA ASN A 376 -26.34 22.66 27.85
C ASN A 376 -27.72 23.07 27.36
N GLN A 377 -27.87 24.36 27.05
CA GLN A 377 -29.17 24.94 26.74
C GLN A 377 -29.66 24.59 25.33
N THR A 378 -28.78 24.73 24.34
CA THR A 378 -29.08 24.32 22.97
C THR A 378 -28.12 23.20 22.51
N PRO A 379 -28.42 21.94 22.87
CA PRO A 379 -27.53 20.82 22.57
C PRO A 379 -27.30 20.60 21.08
N ASN A 380 -28.38 20.43 20.33
CA ASN A 380 -28.29 20.11 18.91
C ASN A 380 -27.66 21.25 18.11
N ARG A 381 -27.96 22.49 18.49
CA ARG A 381 -27.43 23.65 17.78
C ARG A 381 -25.94 23.80 18.02
N ALA A 382 -25.54 23.68 19.29
CA ALA A 382 -24.12 23.75 19.64
C ALA A 382 -23.36 22.61 18.98
N LYS A 383 -23.98 21.43 18.94
CA LYS A 383 -23.38 20.26 18.32
C LYS A 383 -23.08 20.50 16.84
N ARG A 384 -24.03 21.11 16.13
CA ARG A 384 -23.85 21.40 14.70
C ARG A 384 -22.76 22.45 14.46
N VAL A 385 -22.71 23.46 15.32
CA VAL A 385 -21.74 24.53 15.14
C VAL A 385 -20.33 24.01 15.45
N ILE A 386 -20.23 23.20 16.50
CA ILE A 386 -18.95 22.59 16.88
C ILE A 386 -18.44 21.69 15.76
N THR A 387 -19.23 20.67 15.42
CA THR A 387 -18.91 19.77 14.31
C THR A 387 -18.44 20.51 13.06
N THR A 388 -18.86 21.77 12.93
CA THR A 388 -18.43 22.62 11.82
C THR A 388 -17.10 23.29 12.16
N PHE A 389 -16.90 23.61 13.43
CA PHE A 389 -15.59 24.07 13.91
C PHE A 389 -14.60 22.92 13.89
N ARG A 390 -15.13 21.70 13.93
CA ARG A 390 -14.30 20.50 13.92
C ARG A 390 -13.94 20.11 12.50
N THR A 391 -14.89 19.56 11.77
CA THR A 391 -14.63 19.00 10.43
C THR A 391 -14.19 20.07 9.44
N GLY A 392 -14.65 21.29 9.65
CA GLY A 392 -14.37 22.38 8.71
C GLY A 392 -15.21 22.24 7.47
N THR A 393 -16.32 21.52 7.59
CA THR A 393 -17.23 21.25 6.47
C THR A 393 -18.70 21.51 6.85
N TRP A 394 -19.59 21.41 5.87
CA TRP A 394 -21.01 21.59 6.14
C TRP A 394 -21.65 20.26 6.55
N ASP A 395 -20.84 19.26 6.86
CA ASP A 395 -21.34 17.89 7.12
C ASP A 395 -22.36 17.84 8.26
N ALA A 396 -22.36 18.87 9.10
CA ALA A 396 -23.31 18.95 10.21
C ALA A 396 -24.68 19.47 9.75
N TYR A 397 -24.81 19.73 8.45
CA TYR A 397 -26.00 20.37 7.90
C TYR A 397 -26.57 19.64 6.70
N LYS A 398 -25.72 18.90 5.99
CA LYS A 398 -26.14 18.19 4.78
C LYS A 398 -27.32 17.27 5.05
N ASN A 399 -27.49 16.89 6.32
CA ASN A 399 -28.65 16.13 6.75
C ASN A 399 -29.93 16.94 6.54
N LEU A 400 -29.99 18.10 7.21
CA LEU A 400 -31.12 19.02 7.05
C LEU A 400 -30.96 19.86 5.79
N PRO B 19 42.16 -71.76 25.75
CA PRO B 19 42.19 -70.87 24.59
C PRO B 19 42.35 -71.65 23.26
N GLY B 20 43.57 -71.79 22.74
CA GLY B 20 43.81 -72.64 21.58
C GLY B 20 43.37 -72.06 20.25
N PRO B 21 44.18 -72.25 19.17
CA PRO B 21 43.76 -71.92 17.82
C PRO B 21 43.37 -73.17 17.02
N GLU B 22 42.68 -72.98 15.89
CA GLU B 22 42.27 -74.08 15.04
C GLU B 22 41.60 -75.20 15.84
N GLU B 23 40.64 -74.82 16.68
CA GLU B 23 39.90 -75.77 17.51
C GLU B 23 38.46 -75.34 17.64
N GLY B 24 37.75 -75.91 18.60
CA GLY B 24 36.35 -75.62 18.84
C GLY B 24 36.12 -75.06 20.22
N GLN B 25 35.18 -74.11 20.33
CA GLN B 25 34.84 -73.52 21.62
C GLN B 25 34.12 -74.55 22.48
N LYS B 26 34.32 -74.45 23.79
CA LYS B 26 33.74 -75.43 24.72
C LYS B 26 32.23 -75.43 24.66
N VAL B 27 31.63 -76.60 24.89
CA VAL B 27 30.20 -76.78 24.73
C VAL B 27 29.47 -76.69 26.06
N ASP B 28 28.48 -75.79 26.12
CA ASP B 28 27.67 -75.63 27.31
C ASP B 28 26.71 -76.80 27.48
N HIS B 29 26.06 -76.87 28.64
CA HIS B 29 25.30 -78.04 29.03
C HIS B 29 23.80 -77.77 29.17
N CYS B 30 23.00 -78.62 28.54
CA CYS B 30 21.54 -78.62 28.70
C CYS B 30 21.21 -78.38 30.16
N ALA B 31 20.59 -77.23 30.44
CA ALA B 31 20.34 -76.85 31.82
C ALA B 31 19.34 -77.80 32.47
N ARG B 32 18.41 -78.33 31.68
CA ARG B 32 17.33 -79.14 32.21
C ARG B 32 17.75 -80.58 32.50
N HIS B 33 18.84 -81.03 31.87
CA HIS B 33 19.33 -82.40 32.02
C HIS B 33 20.75 -82.45 32.58
N GLY B 34 21.71 -82.00 31.78
CA GLY B 34 23.10 -81.94 32.21
C GLY B 34 24.03 -82.30 31.07
N GLU B 35 23.55 -83.14 30.16
CA GLU B 35 24.39 -83.62 29.07
C GLU B 35 24.63 -82.50 28.05
N LYS B 36 25.75 -82.59 27.33
CA LYS B 36 26.18 -81.52 26.43
C LYS B 36 25.14 -81.17 25.39
N LEU B 37 25.14 -79.91 24.97
CA LEU B 37 24.28 -79.42 23.90
C LEU B 37 25.02 -79.60 22.57
N LEU B 38 24.60 -80.60 21.80
CA LEU B 38 25.31 -80.95 20.57
C LEU B 38 24.35 -81.16 19.40
N LEU B 39 23.06 -81.34 19.70
CA LEU B 39 22.09 -81.65 18.67
C LEU B 39 21.24 -80.44 18.23
N PHE B 40 21.06 -80.33 16.92
CA PHE B 40 20.16 -79.35 16.33
C PHE B 40 18.81 -79.98 16.03
N CYS B 41 17.80 -79.63 16.81
CA CYS B 41 16.46 -80.12 16.54
C CYS B 41 15.88 -79.48 15.29
N GLN B 42 15.62 -80.29 14.26
CA GLN B 42 14.85 -79.83 13.12
C GLN B 42 13.40 -79.78 13.57
N GLU B 43 12.60 -78.96 12.89
CA GLU B 43 11.18 -78.75 13.22
C GLU B 43 10.99 -77.76 14.39
N ASP B 44 11.94 -77.72 15.32
CA ASP B 44 11.92 -76.74 16.42
C ASP B 44 12.97 -75.67 16.24
N SER B 45 13.86 -75.87 15.28
CA SER B 45 14.90 -74.91 14.94
C SER B 45 15.84 -74.53 16.10
N LYS B 46 15.66 -75.16 17.27
CA LYS B 46 16.50 -74.88 18.45
C LYS B 46 17.58 -75.94 18.65
N VAL B 47 18.24 -75.90 19.81
CA VAL B 47 19.39 -76.77 20.10
C VAL B 47 19.25 -77.46 21.47
N ILE B 48 19.59 -78.75 21.51
CA ILE B 48 19.42 -79.54 22.72
C ILE B 48 20.41 -80.70 22.87
N CYS B 49 20.37 -81.34 24.04
CA CYS B 49 21.20 -82.51 24.33
C CYS B 49 20.44 -83.80 23.99
N TRP B 50 21.08 -84.95 24.23
CA TRP B 50 20.48 -86.20 23.82
C TRP B 50 19.30 -86.56 24.72
N LEU B 51 19.43 -86.27 26.02
CA LEU B 51 18.35 -86.57 26.96
C LEU B 51 17.13 -85.70 26.67
N CYS B 52 17.40 -84.58 26.01
CA CYS B 52 16.37 -83.63 25.64
C CYS B 52 15.55 -84.12 24.45
N LYS B 53 16.12 -85.03 23.67
CA LYS B 53 15.45 -85.61 22.51
C LYS B 53 14.38 -86.59 22.96
N ASP B 54 14.47 -87.04 24.20
CA ASP B 54 13.54 -88.01 24.75
C ASP B 54 12.37 -87.32 25.44
N SER B 55 12.56 -86.05 25.79
CA SER B 55 11.49 -85.26 26.39
C SER B 55 10.35 -85.11 25.40
N GLN B 56 9.14 -84.96 25.91
CA GLN B 56 7.95 -84.94 25.06
C GLN B 56 7.93 -83.71 24.16
N GLU B 57 8.64 -82.67 24.58
CA GLU B 57 8.71 -81.44 23.82
C GLU B 57 9.23 -81.68 22.39
N HIS B 58 10.02 -82.74 22.21
CA HIS B 58 10.62 -83.04 20.91
C HIS B 58 10.30 -84.45 20.41
N ARG B 59 9.66 -85.26 21.26
CA ARG B 59 9.40 -86.68 20.94
C ARG B 59 8.75 -86.88 19.58
N GLY B 60 9.55 -86.73 18.52
CA GLY B 60 9.09 -86.90 17.16
C GLY B 60 9.90 -86.09 16.15
N HIS B 61 10.90 -85.36 16.63
CA HIS B 61 11.63 -84.41 15.81
C HIS B 61 12.96 -84.96 15.33
N HIS B 62 13.25 -84.71 14.07
CA HIS B 62 14.50 -85.14 13.47
C HIS B 62 15.67 -84.34 14.04
N THR B 63 16.42 -84.98 14.93
CA THR B 63 17.61 -84.37 15.50
C THR B 63 18.84 -84.64 14.62
N PHE B 64 19.77 -83.70 14.65
CA PHE B 64 21.01 -83.77 13.88
C PHE B 64 22.14 -83.15 14.67
N LEU B 65 23.36 -83.55 14.35
CA LEU B 65 24.51 -82.99 15.02
C LEU B 65 24.70 -81.57 14.48
N MET B 66 25.24 -80.69 15.31
CA MET B 66 25.42 -79.29 14.90
C MET B 66 26.25 -79.18 13.63
N GLU B 67 27.32 -79.97 13.57
CA GLU B 67 28.24 -79.91 12.44
C GLU B 67 27.58 -80.37 11.16
N GLU B 68 26.70 -81.35 11.27
CA GLU B 68 26.02 -81.93 10.10
C GLU B 68 25.16 -80.92 9.35
N VAL B 69 24.84 -79.81 10.01
CA VAL B 69 23.92 -78.81 9.44
C VAL B 69 24.48 -77.39 9.48
N ALA B 70 25.60 -77.19 10.17
CA ALA B 70 26.21 -75.87 10.29
C ALA B 70 26.36 -75.16 8.93
N GLN B 71 26.98 -75.81 7.96
CA GLN B 71 27.25 -75.16 6.69
C GLN B 71 26.02 -75.15 5.78
N GLU B 72 25.01 -75.97 6.10
CA GLU B 72 23.75 -75.90 5.38
C GLU B 72 23.11 -74.54 5.61
N TYR B 73 23.24 -74.04 6.83
CA TYR B 73 22.59 -72.80 7.24
C TYR B 73 23.52 -71.60 7.08
N HIS B 74 24.82 -71.79 7.32
CA HIS B 74 25.80 -70.72 7.11
C HIS B 74 25.68 -70.17 5.69
N VAL B 75 25.59 -71.07 4.72
CA VAL B 75 25.29 -70.70 3.35
C VAL B 75 23.95 -69.96 3.28
N LYS B 76 22.90 -70.60 3.79
CA LYS B 76 21.54 -70.08 3.67
C LYS B 76 21.40 -68.67 4.24
N LEU B 77 22.25 -68.29 5.19
CA LEU B 77 22.19 -66.94 5.76
C LEU B 77 22.92 -65.94 4.87
N GLN B 78 24.08 -66.35 4.35
CA GLN B 78 24.82 -65.51 3.42
C GLN B 78 23.98 -65.20 2.18
N THR B 79 23.38 -66.22 1.60
CA THR B 79 22.47 -66.04 0.46
C THR B 79 21.31 -65.13 0.84
N ALA B 80 21.00 -65.10 2.13
CA ALA B 80 19.94 -64.25 2.65
C ALA B 80 20.49 -62.91 3.15
N LEU B 81 21.75 -62.92 3.59
CA LEU B 81 22.37 -61.73 4.13
C LEU B 81 22.60 -60.72 3.03
N GLU B 82 22.95 -61.21 1.84
CA GLU B 82 23.18 -60.34 0.69
C GLU B 82 21.88 -59.68 0.28
N MET B 83 20.77 -60.40 0.41
CA MET B 83 19.46 -59.87 0.09
C MET B 83 19.10 -58.74 1.05
N LEU B 84 19.54 -58.86 2.29
CA LEU B 84 19.28 -57.84 3.30
C LEU B 84 19.96 -56.52 2.95
N ARG B 85 21.22 -56.61 2.52
CA ARG B 85 21.97 -55.43 2.10
C ARG B 85 21.32 -54.73 0.91
N GLN B 86 20.85 -55.52 -0.06
CA GLN B 86 20.25 -54.95 -1.26
C GLN B 86 18.84 -54.46 -0.99
N LYS B 87 18.22 -54.98 0.08
CA LYS B 87 16.94 -54.46 0.53
C LYS B 87 17.14 -53.32 1.52
N GLN B 88 18.40 -53.08 1.91
CA GLN B 88 18.74 -51.96 2.77
C GLN B 88 19.03 -50.73 1.94
N GLN B 89 19.49 -50.95 0.71
CA GLN B 89 19.77 -49.84 -0.20
C GLN B 89 18.46 -49.18 -0.65
N GLU B 90 17.55 -49.99 -1.19
CA GLU B 90 16.27 -49.47 -1.67
C GLU B 90 15.44 -48.85 -0.55
N ALA B 91 15.78 -49.18 0.69
CA ALA B 91 15.12 -48.57 1.84
C ALA B 91 15.81 -47.27 2.19
N GLU B 92 17.14 -47.26 2.06
CA GLU B 92 17.93 -46.06 2.31
C GLU B 92 17.80 -45.10 1.13
N LYS B 93 17.27 -45.59 0.01
CA LYS B 93 16.99 -44.76 -1.16
C LYS B 93 15.64 -44.08 -0.98
N LEU B 94 14.69 -44.78 -0.38
CA LEU B 94 13.40 -44.19 -0.04
C LEU B 94 13.52 -43.32 1.22
N GLU B 95 14.69 -43.32 1.84
CA GLU B 95 14.98 -42.41 2.93
C GLU B 95 15.31 -41.04 2.35
N ALA B 96 16.02 -41.05 1.23
CA ALA B 96 16.39 -39.81 0.54
C ALA B 96 15.26 -39.37 -0.40
N ASP B 97 14.45 -40.32 -0.84
CA ASP B 97 13.31 -40.03 -1.72
C ASP B 97 12.35 -39.08 -1.02
N ILE B 98 12.29 -39.18 0.30
CA ILE B 98 11.44 -38.31 1.11
C ILE B 98 12.15 -36.97 1.36
N ARG B 99 13.42 -37.03 1.76
CA ARG B 99 14.18 -35.82 2.06
C ARG B 99 14.30 -34.91 0.86
N GLU B 100 14.21 -35.49 -0.34
CA GLU B 100 14.23 -34.70 -1.56
C GLU B 100 12.92 -33.94 -1.72
N GLU B 101 11.82 -34.66 -1.58
CA GLU B 101 10.50 -34.05 -1.69
C GLU B 101 10.36 -32.94 -0.64
N LYS B 102 11.04 -33.10 0.49
CA LYS B 102 11.04 -32.08 1.54
C LYS B 102 11.50 -30.74 0.98
N ALA B 103 12.72 -30.71 0.47
CA ALA B 103 13.28 -29.49 -0.10
C ALA B 103 12.55 -29.11 -1.39
N SER B 104 11.90 -30.07 -2.03
CA SER B 104 11.18 -29.79 -3.27
C SER B 104 9.95 -28.93 -3.03
N TRP B 105 9.44 -28.94 -1.81
CA TRP B 105 8.32 -28.09 -1.43
C TRP B 105 8.86 -26.79 -0.82
N LYS B 106 9.91 -26.90 -0.03
CA LYS B 106 10.56 -25.72 0.56
C LYS B 106 10.93 -24.72 -0.53
N ILE B 107 11.24 -25.26 -1.71
CA ILE B 107 11.48 -24.44 -2.88
C ILE B 107 10.15 -23.88 -3.38
N GLN B 108 9.22 -24.79 -3.69
CA GLN B 108 7.91 -24.42 -4.24
C GLN B 108 7.24 -23.29 -3.48
N ILE B 109 7.52 -23.19 -2.18
CA ILE B 109 6.94 -22.14 -1.36
C ILE B 109 7.79 -20.87 -1.47
N ASP B 110 9.10 -20.99 -1.34
CA ASP B 110 9.98 -19.83 -1.41
C ASP B 110 10.10 -19.30 -2.84
N TYR B 111 9.26 -19.79 -3.74
CA TYR B 111 9.14 -19.27 -5.09
C TYR B 111 7.75 -18.69 -5.29
N ASP B 112 6.75 -19.35 -4.72
CA ASP B 112 5.40 -18.79 -4.70
C ASP B 112 5.31 -17.66 -3.69
N LYS B 113 6.22 -17.68 -2.72
CA LYS B 113 6.29 -16.64 -1.69
C LYS B 113 6.79 -15.33 -2.30
N THR B 114 7.81 -15.42 -3.14
CA THR B 114 8.36 -14.24 -3.80
C THR B 114 7.48 -13.82 -4.98
N ASN B 115 6.87 -14.81 -5.62
CA ASN B 115 6.01 -14.54 -6.78
C ASN B 115 4.80 -13.69 -6.41
N VAL B 116 4.15 -14.01 -5.30
CA VAL B 116 3.00 -13.25 -4.83
C VAL B 116 3.43 -11.83 -4.45
N SER B 117 4.47 -11.72 -3.64
CA SER B 117 4.99 -10.43 -3.19
C SER B 117 5.56 -9.58 -4.33
N ALA B 118 5.57 -10.13 -5.54
CA ALA B 118 5.94 -9.39 -6.74
C ALA B 118 4.70 -8.94 -7.50
N ASP B 119 3.57 -9.60 -7.24
CA ASP B 119 2.29 -9.20 -7.80
C ASP B 119 1.65 -8.13 -6.93
N PHE B 120 1.86 -8.22 -5.62
CA PHE B 120 1.37 -7.20 -4.70
C PHE B 120 2.15 -5.90 -4.87
N GLU B 121 3.24 -5.96 -5.63
CA GLU B 121 4.01 -4.77 -5.95
C GLU B 121 3.58 -4.19 -7.30
N GLN B 122 3.10 -5.05 -8.18
CA GLN B 122 2.54 -4.59 -9.45
C GLN B 122 1.30 -3.76 -9.17
N LEU B 123 0.61 -4.11 -8.10
CA LEU B 123 -0.61 -3.42 -7.71
C LEU B 123 -0.30 -2.10 -7.00
N ARG B 124 0.64 -2.12 -6.06
CA ARG B 124 0.99 -0.88 -5.36
C ARG B 124 1.51 0.14 -6.38
N GLU B 125 2.10 -0.35 -7.45
CA GLU B 125 2.49 0.53 -8.55
C GLU B 125 1.23 1.13 -9.15
N ILE B 126 0.23 0.29 -9.41
CA ILE B 126 -1.01 0.74 -10.03
C ILE B 126 -1.66 1.85 -9.21
N LEU B 127 -1.64 1.73 -7.89
CA LEU B 127 -2.19 2.78 -7.04
C LEU B 127 -1.38 4.06 -7.17
N ASP B 128 -0.06 3.97 -7.02
CA ASP B 128 0.81 5.13 -7.09
C ASP B 128 0.49 5.98 -8.31
N TRP B 129 0.28 5.32 -9.44
CA TRP B 129 -0.01 6.02 -10.68
C TRP B 129 -1.41 6.63 -10.68
N GLU B 130 -2.39 5.90 -10.17
CA GLU B 130 -3.74 6.44 -10.07
C GLU B 130 -3.77 7.66 -9.16
N GLU B 131 -3.15 7.55 -7.99
CA GLU B 131 -3.04 8.68 -7.09
C GLU B 131 -2.33 9.86 -7.77
N SER B 132 -1.28 9.56 -8.53
CA SER B 132 -0.55 10.59 -9.24
C SER B 132 -1.46 11.29 -10.22
N ASN B 133 -2.34 10.51 -10.83
CA ASN B 133 -3.26 11.04 -11.83
C ASN B 133 -4.38 11.87 -11.21
N GLU B 134 -4.69 11.58 -9.95
CA GLU B 134 -5.78 12.27 -9.26
C GLU B 134 -5.32 13.59 -8.68
N LEU B 135 -4.15 13.63 -8.07
CA LEU B 135 -3.59 14.89 -7.60
C LEU B 135 -3.23 15.78 -8.79
N GLN B 136 -2.82 15.17 -9.90
CA GLN B 136 -2.46 15.94 -11.07
C GLN B 136 -3.70 16.64 -11.65
N ASN B 137 -4.87 16.25 -11.18
CA ASN B 137 -6.14 16.82 -11.61
C ASN B 137 -6.65 17.91 -10.65
N LEU B 138 -6.50 17.67 -9.35
CA LEU B 138 -6.91 18.66 -8.37
C LEU B 138 -6.03 19.89 -8.50
N GLU B 139 -4.90 19.75 -9.19
CA GLU B 139 -3.98 20.85 -9.41
C GLU B 139 -4.27 21.58 -10.73
N LYS B 140 -4.98 20.90 -11.63
CA LYS B 140 -5.40 21.54 -12.87
C LYS B 140 -6.58 22.43 -12.55
N GLU B 141 -7.49 21.94 -11.72
CA GLU B 141 -8.60 22.74 -11.26
C GLU B 141 -8.06 24.00 -10.60
N GLU B 142 -7.20 23.85 -9.59
CA GLU B 142 -6.73 25.03 -8.87
C GLU B 142 -6.10 26.02 -9.85
N GLU B 143 -5.32 25.54 -10.82
CA GLU B 143 -4.73 26.45 -11.79
C GLU B 143 -5.82 27.09 -12.64
N ASP B 144 -6.72 26.28 -13.19
CA ASP B 144 -7.81 26.78 -14.02
C ASP B 144 -8.69 27.81 -13.30
N ILE B 145 -9.21 27.43 -12.13
CA ILE B 145 -10.10 28.32 -11.38
C ILE B 145 -9.36 29.59 -10.93
N LEU B 146 -8.18 29.43 -10.34
CA LEU B 146 -7.42 30.60 -9.87
C LEU B 146 -6.85 31.42 -11.03
N LYS B 147 -7.25 31.09 -12.26
CA LYS B 147 -6.90 31.92 -13.41
C LYS B 147 -8.05 32.86 -13.70
N SER B 148 -9.20 32.29 -14.02
CA SER B 148 -10.37 33.09 -14.36
C SER B 148 -10.79 33.97 -13.19
N LEU B 149 -10.50 33.53 -11.97
CA LEU B 149 -10.82 34.31 -10.79
C LEU B 149 -9.92 35.55 -10.73
N THR B 150 -8.62 35.36 -10.87
CA THR B 150 -7.68 36.47 -10.76
C THR B 150 -7.86 37.42 -11.95
N LYS B 151 -8.65 37.00 -12.95
CA LYS B 151 -9.07 37.89 -14.03
C LYS B 151 -10.25 38.74 -13.59
N SER B 152 -11.42 38.11 -13.49
CA SER B 152 -12.64 38.77 -13.04
C SER B 152 -12.42 39.55 -11.76
N GLU B 153 -11.46 39.12 -10.96
CA GLU B 153 -11.08 39.87 -9.78
C GLU B 153 -10.67 41.28 -10.15
N THR B 154 -9.76 41.41 -11.10
CA THR B 154 -9.32 42.72 -11.56
C THR B 154 -10.44 43.42 -12.32
N GLU B 155 -11.33 42.63 -12.93
CA GLU B 155 -12.52 43.17 -13.57
C GLU B 155 -13.42 43.83 -12.53
N MET B 156 -13.13 43.56 -11.25
CA MET B 156 -13.81 44.23 -10.16
C MET B 156 -12.96 45.36 -9.56
N VAL B 157 -11.64 45.19 -9.57
CA VAL B 157 -10.77 46.28 -9.13
C VAL B 157 -10.93 47.43 -10.12
N GLN B 158 -11.33 47.10 -11.34
CA GLN B 158 -11.67 48.12 -12.33
C GLN B 158 -12.90 48.88 -11.86
N GLN B 159 -14.03 48.18 -11.73
CA GLN B 159 -15.28 48.82 -11.29
C GLN B 159 -15.09 49.70 -10.04
N THR B 160 -14.59 49.11 -8.96
CA THR B 160 -14.45 49.84 -7.70
C THR B 160 -13.62 51.11 -7.84
N GLN B 161 -12.45 51.01 -8.46
CA GLN B 161 -11.59 52.17 -8.65
C GLN B 161 -12.19 53.15 -9.65
N TYR B 162 -12.73 52.60 -10.73
CA TYR B 162 -13.35 53.40 -11.78
C TYR B 162 -14.36 54.38 -11.19
N MET B 163 -15.38 53.85 -10.54
CA MET B 163 -16.41 54.67 -9.90
C MET B 163 -15.83 55.69 -8.93
N ARG B 164 -14.78 55.33 -8.20
CA ARG B 164 -14.15 56.28 -7.30
C ARG B 164 -13.61 57.48 -8.08
N GLU B 165 -13.43 57.29 -9.38
CA GLU B 165 -12.97 58.36 -10.27
C GLU B 165 -14.15 59.03 -10.96
N LEU B 166 -15.17 58.23 -11.28
CA LEU B 166 -16.41 58.72 -11.85
C LEU B 166 -17.14 59.59 -10.83
N ILE B 167 -17.00 59.23 -9.55
CA ILE B 167 -17.51 60.05 -8.46
C ILE B 167 -16.78 61.38 -8.42
N SER B 168 -15.45 61.33 -8.30
CA SER B 168 -14.63 62.54 -8.21
C SER B 168 -14.98 63.55 -9.31
N GLU B 169 -15.43 63.04 -10.46
CA GLU B 169 -15.92 63.90 -11.53
C GLU B 169 -17.09 64.76 -11.03
N LEU B 170 -18.15 64.09 -10.58
CA LEU B 170 -19.29 64.79 -10.01
C LEU B 170 -18.84 65.69 -8.86
N GLU B 171 -18.16 65.12 -7.87
CA GLU B 171 -17.65 65.88 -6.73
C GLU B 171 -16.97 67.17 -7.19
N HIS B 172 -16.34 67.12 -8.36
CA HIS B 172 -15.68 68.28 -8.93
C HIS B 172 -16.70 69.25 -9.52
N ARG B 173 -17.69 68.72 -10.20
CA ARG B 173 -18.73 69.53 -10.82
C ARG B 173 -19.57 70.24 -9.76
N LEU B 174 -19.90 69.53 -8.68
CA LEU B 174 -20.74 70.09 -7.62
C LEU B 174 -19.99 71.15 -6.81
N GLN B 175 -19.26 72.01 -7.53
CA GLN B 175 -18.33 72.95 -6.93
C GLN B 175 -17.70 73.71 -8.07
N GLY B 176 -17.28 74.94 -7.82
CA GLY B 176 -16.62 75.73 -8.82
C GLY B 176 -17.56 76.22 -9.90
N SER B 177 -16.99 76.60 -11.04
CA SER B 177 -17.72 77.30 -12.09
C SER B 177 -19.02 76.63 -12.51
N MET B 178 -20.03 77.46 -12.76
CA MET B 178 -21.31 76.99 -13.27
C MET B 178 -21.12 76.38 -14.65
N MET B 179 -20.10 76.87 -15.36
CA MET B 179 -19.78 76.40 -16.69
C MET B 179 -19.23 74.97 -16.66
N ASP B 180 -18.29 74.73 -15.73
CA ASP B 180 -17.75 73.40 -15.51
C ASP B 180 -18.87 72.42 -15.22
N LEU B 181 -19.73 72.80 -14.28
CA LEU B 181 -20.88 71.99 -13.89
C LEU B 181 -21.77 71.62 -15.09
N LEU B 182 -21.72 72.44 -16.13
CA LEU B 182 -22.70 72.36 -17.22
C LEU B 182 -22.17 71.78 -18.52
N GLN B 183 -20.93 72.14 -18.87
CA GLN B 183 -20.35 71.69 -20.14
C GLN B 183 -20.38 70.17 -20.25
N GLY B 184 -21.08 69.66 -21.26
CA GLY B 184 -21.18 68.22 -21.50
C GLY B 184 -21.67 67.42 -20.31
N VAL B 185 -22.61 67.96 -19.55
CA VAL B 185 -23.10 67.30 -18.35
C VAL B 185 -24.07 66.16 -18.67
N ASP B 186 -24.74 66.23 -19.82
CA ASP B 186 -25.75 65.23 -20.16
C ASP B 186 -25.14 63.84 -20.36
N GLY B 187 -23.99 63.78 -21.01
CA GLY B 187 -23.33 62.52 -21.27
C GLY B 187 -23.13 61.72 -20.00
N ILE B 188 -22.90 62.43 -18.90
CA ILE B 188 -22.69 61.78 -17.61
C ILE B 188 -24.01 61.30 -16.99
N ILE B 189 -25.01 62.17 -16.88
CA ILE B 189 -26.25 61.72 -16.26
C ILE B 189 -26.88 60.62 -17.14
N LYS B 190 -26.41 60.52 -18.38
CA LYS B 190 -26.78 59.42 -19.26
C LYS B 190 -26.07 58.14 -18.82
N ARG B 191 -24.75 58.19 -18.80
CA ARG B 191 -23.93 57.01 -18.54
C ARG B 191 -24.17 56.44 -17.14
N ILE B 192 -24.49 57.31 -16.19
CA ILE B 192 -24.71 56.91 -14.81
C ILE B 192 -26.08 56.25 -14.65
N GLU B 193 -27.08 56.77 -15.36
CA GLU B 193 -28.38 56.12 -15.38
C GLU B 193 -28.27 54.76 -16.04
N ASN B 194 -27.46 54.70 -17.09
CA ASN B 194 -27.15 53.45 -17.77
C ASN B 194 -25.96 52.76 -17.11
N MET B 195 -26.06 52.54 -15.81
CA MET B 195 -25.02 51.88 -15.04
C MET B 195 -25.47 50.51 -14.58
N THR B 196 -24.62 49.52 -14.84
CA THR B 196 -24.88 48.15 -14.43
C THR B 196 -23.56 47.45 -14.15
N LEU B 197 -23.16 47.43 -12.89
CA LEU B 197 -21.94 46.74 -12.50
C LEU B 197 -22.09 45.25 -12.75
N LYS B 198 -21.13 44.67 -13.46
CA LYS B 198 -21.14 43.23 -13.72
C LYS B 198 -20.76 42.50 -12.45
N LYS B 199 -20.92 41.17 -12.45
CA LYS B 199 -20.56 40.35 -11.29
C LYS B 199 -19.45 39.36 -11.65
N PRO B 200 -18.76 38.81 -10.64
CA PRO B 200 -17.59 37.97 -10.90
C PRO B 200 -17.95 36.54 -11.28
N LYS B 201 -17.04 35.87 -11.96
CA LYS B 201 -17.27 34.51 -12.43
C LYS B 201 -17.13 33.51 -11.29
N THR B 202 -18.21 33.34 -10.53
CA THR B 202 -18.19 32.40 -9.41
C THR B 202 -18.38 30.96 -9.89
N PHE B 203 -17.68 30.04 -9.23
CA PHE B 203 -17.86 28.61 -9.46
C PHE B 203 -18.60 28.00 -8.29
N HIS B 204 -19.43 28.82 -7.63
CA HIS B 204 -20.09 28.46 -6.38
C HIS B 204 -20.73 27.08 -6.40
N LYS B 205 -21.29 26.70 -7.54
CA LYS B 205 -22.15 25.52 -7.61
C LYS B 205 -22.01 24.70 -8.89
N ASN B 206 -21.07 25.05 -9.74
CA ASN B 206 -20.84 24.25 -10.94
C ASN B 206 -20.38 22.84 -10.55
N GLN B 207 -20.83 21.84 -11.31
CA GLN B 207 -20.58 20.46 -10.95
C GLN B 207 -19.08 20.13 -10.93
N ARG B 208 -18.74 19.09 -10.17
CA ARG B 208 -17.36 18.79 -9.82
C ARG B 208 -17.28 17.36 -9.32
N ARG B 209 -16.09 16.78 -9.29
CA ARG B 209 -15.91 15.41 -8.81
C ARG B 209 -14.55 15.20 -8.18
N VAL B 210 -14.56 14.68 -6.95
CA VAL B 210 -13.35 14.21 -6.28
C VAL B 210 -13.59 12.75 -5.89
N PHE B 211 -12.68 11.87 -6.30
CA PHE B 211 -12.95 10.43 -6.36
C PHE B 211 -13.16 9.81 -4.98
N ARG B 212 -13.86 8.68 -4.98
CA ARG B 212 -14.19 7.94 -3.76
C ARG B 212 -13.44 6.61 -3.72
N ALA B 213 -12.58 6.43 -2.71
CA ALA B 213 -11.88 5.17 -2.53
C ALA B 213 -12.85 4.08 -2.12
N PRO B 214 -13.07 3.06 -2.97
CA PRO B 214 -14.08 2.02 -2.70
C PRO B 214 -13.88 1.26 -1.37
N ASP B 215 -14.95 0.68 -0.85
CA ASP B 215 -14.97 0.04 0.47
C ASP B 215 -14.67 -1.45 0.33
N LEU B 216 -13.38 -1.79 0.42
CA LEU B 216 -12.94 -3.19 0.35
C LEU B 216 -12.74 -3.76 1.74
N MET B 237 30.72 -47.93 -16.30
CA MET B 237 30.19 -46.60 -16.05
C MET B 237 31.24 -45.54 -16.31
N ASN B 238 30.80 -44.29 -16.50
CA ASN B 238 31.69 -43.20 -16.85
C ASN B 238 31.40 -41.92 -16.03
N ILE B 239 31.61 -40.77 -16.65
CA ILE B 239 31.50 -39.49 -15.96
C ILE B 239 30.05 -39.09 -15.67
N PHE B 240 29.26 -38.99 -16.73
CA PHE B 240 27.90 -38.43 -16.64
C PHE B 240 26.99 -39.19 -15.68
N GLU B 241 27.04 -40.52 -15.72
CA GLU B 241 26.18 -41.35 -14.89
C GLU B 241 26.59 -41.26 -13.42
N MET B 242 27.91 -41.29 -13.19
CA MET B 242 28.46 -41.21 -11.85
C MET B 242 28.04 -39.92 -11.15
N LEU B 243 27.89 -38.85 -11.92
CA LEU B 243 27.57 -37.54 -11.38
C LEU B 243 26.09 -37.42 -10.99
N ARG B 244 25.20 -37.84 -11.89
CA ARG B 244 23.76 -37.76 -11.64
C ARG B 244 23.38 -38.45 -10.33
N ILE B 245 24.05 -39.55 -10.03
CA ILE B 245 23.83 -40.25 -8.78
C ILE B 245 24.20 -39.35 -7.61
N ASP B 246 25.29 -38.60 -7.77
CA ASP B 246 25.80 -37.74 -6.70
C ASP B 246 25.24 -36.31 -6.77
N GLU B 247 24.76 -35.92 -7.96
CA GLU B 247 24.27 -34.56 -8.19
C GLU B 247 22.74 -34.51 -8.27
N GLY B 248 22.14 -35.59 -8.75
CA GLY B 248 20.68 -35.67 -8.84
C GLY B 248 20.16 -35.01 -10.10
N LEU B 249 18.83 -34.87 -10.18
CA LEU B 249 18.19 -34.22 -11.32
C LEU B 249 16.88 -33.53 -10.94
N ARG B 250 16.96 -32.22 -10.71
CA ARG B 250 15.78 -31.40 -10.48
C ARG B 250 15.59 -30.45 -11.66
N LEU B 251 14.35 -30.27 -12.07
CA LEU B 251 14.04 -29.45 -13.25
C LEU B 251 13.76 -27.99 -12.90
N LYS B 252 13.71 -27.68 -11.60
CA LYS B 252 13.50 -26.31 -11.14
C LYS B 252 14.66 -25.86 -10.25
N ILE B 253 14.60 -24.62 -9.79
CA ILE B 253 15.68 -24.03 -9.00
C ILE B 253 15.68 -24.59 -7.57
N TYR B 254 16.75 -25.32 -7.22
CA TYR B 254 16.90 -25.87 -5.87
C TYR B 254 18.24 -25.46 -5.27
N LYS B 255 18.37 -25.56 -3.95
CA LYS B 255 19.57 -25.12 -3.26
C LYS B 255 20.64 -26.22 -3.22
N ASN B 256 21.90 -25.80 -3.32
CA ASN B 256 23.03 -26.73 -3.40
C ASN B 256 23.28 -27.41 -2.05
N THR B 257 24.45 -28.04 -1.93
CA THR B 257 24.90 -28.59 -0.66
C THR B 257 25.53 -27.49 0.19
N GLU B 258 25.43 -26.25 -0.28
CA GLU B 258 26.06 -25.10 0.37
C GLU B 258 25.14 -23.89 0.36
N GLY B 259 23.87 -24.11 0.07
CA GLY B 259 22.86 -23.07 0.15
C GLY B 259 22.74 -22.19 -1.09
N TYR B 260 23.48 -22.54 -2.14
CA TYR B 260 23.46 -21.76 -3.38
C TYR B 260 22.44 -22.33 -4.35
N TYR B 261 21.74 -21.45 -5.06
CA TYR B 261 20.74 -21.88 -6.04
C TYR B 261 21.40 -22.56 -7.23
N THR B 262 20.95 -23.79 -7.50
CA THR B 262 21.45 -24.56 -8.64
C THR B 262 20.27 -25.19 -9.39
N ILE B 263 20.56 -25.91 -10.47
CA ILE B 263 19.52 -26.53 -11.27
C ILE B 263 20.10 -27.68 -12.10
N GLY B 264 19.23 -28.56 -12.58
CA GLY B 264 19.66 -29.68 -13.40
C GLY B 264 20.53 -30.66 -12.63
N ILE B 265 21.81 -30.71 -13.00
CA ILE B 265 22.75 -31.63 -12.37
C ILE B 265 23.99 -30.87 -11.89
N GLY B 266 23.80 -30.04 -10.88
CA GLY B 266 24.90 -29.31 -10.26
C GLY B 266 25.32 -28.08 -11.05
N HIS B 267 24.37 -27.48 -11.76
CA HIS B 267 24.66 -26.28 -12.55
C HIS B 267 24.44 -25.02 -11.72
N LEU B 268 25.51 -24.43 -11.24
CA LEU B 268 25.44 -23.24 -10.40
C LEU B 268 24.99 -22.01 -11.19
N LEU B 269 23.81 -21.48 -10.84
CA LEU B 269 23.31 -20.26 -11.45
C LEU B 269 23.91 -19.03 -10.79
N THR B 270 23.92 -19.03 -9.46
CA THR B 270 24.48 -17.94 -8.68
C THR B 270 24.78 -18.39 -7.26
N LYS B 271 25.65 -17.64 -6.57
CA LYS B 271 25.93 -17.88 -5.17
C LYS B 271 25.14 -16.89 -4.30
N SER B 272 24.35 -16.04 -4.95
CA SER B 272 23.51 -15.08 -4.24
C SER B 272 22.28 -15.79 -3.67
N PRO B 273 21.78 -15.33 -2.51
CA PRO B 273 20.62 -15.98 -1.89
C PRO B 273 19.28 -15.54 -2.49
N SER B 274 19.32 -14.69 -3.51
CA SER B 274 18.10 -14.22 -4.15
C SER B 274 17.58 -15.24 -5.16
N LEU B 275 16.27 -15.47 -5.16
CA LEU B 275 15.66 -16.38 -6.12
C LEU B 275 15.49 -15.69 -7.47
N ASN B 276 15.08 -14.42 -7.45
CA ASN B 276 14.94 -13.64 -8.65
C ASN B 276 16.27 -13.53 -9.40
N ALA B 277 17.36 -13.61 -8.66
CA ALA B 277 18.70 -13.59 -9.24
C ALA B 277 19.00 -14.90 -9.98
N ALA B 278 18.41 -15.98 -9.51
CA ALA B 278 18.59 -17.28 -10.14
C ALA B 278 17.77 -17.39 -11.42
N LYS B 279 16.52 -16.93 -11.34
CA LYS B 279 15.61 -17.02 -12.48
C LYS B 279 16.06 -16.13 -13.65
N SER B 280 16.87 -15.12 -13.35
CA SER B 280 17.37 -14.20 -14.38
C SER B 280 18.55 -14.80 -15.14
N GLU B 281 19.55 -15.26 -14.39
CA GLU B 281 20.72 -15.90 -14.99
C GLU B 281 20.32 -17.17 -15.71
N LEU B 282 19.29 -17.83 -15.20
CA LEU B 282 18.79 -19.09 -15.76
C LEU B 282 18.38 -18.91 -17.21
N ASP B 283 17.76 -17.78 -17.52
CA ASP B 283 17.24 -17.51 -18.86
C ASP B 283 18.36 -17.11 -19.81
N LYS B 284 19.35 -16.41 -19.28
CA LYS B 284 20.55 -16.10 -20.06
C LYS B 284 21.25 -17.39 -20.43
N ALA B 285 21.13 -18.39 -19.56
CA ALA B 285 21.72 -19.69 -19.80
C ALA B 285 20.91 -20.48 -20.82
N ILE B 286 19.66 -20.77 -20.48
CA ILE B 286 18.79 -21.56 -21.34
C ILE B 286 18.50 -20.85 -22.66
N GLY B 287 18.19 -19.56 -22.60
CA GLY B 287 17.87 -18.78 -23.78
C GLY B 287 16.38 -18.60 -23.97
N ARG B 288 15.65 -18.64 -22.85
CA ARG B 288 14.21 -18.42 -22.86
C ARG B 288 13.71 -18.15 -21.45
N ASN B 289 12.46 -17.71 -21.33
CA ASN B 289 11.85 -17.48 -20.03
C ASN B 289 11.29 -18.78 -19.46
N THR B 290 12.00 -19.32 -18.48
CA THR B 290 11.67 -20.63 -17.91
C THR B 290 10.69 -20.53 -16.76
N ASN B 291 10.67 -19.37 -16.09
CA ASN B 291 9.79 -19.15 -14.95
C ASN B 291 10.09 -20.13 -13.82
N GLY B 292 11.35 -20.53 -13.71
CA GLY B 292 11.78 -21.41 -12.64
C GLY B 292 11.55 -22.88 -12.92
N VAL B 293 11.60 -23.26 -14.20
CA VAL B 293 11.45 -24.66 -14.58
C VAL B 293 11.88 -24.93 -16.03
N ILE B 294 12.74 -25.94 -16.21
CA ILE B 294 13.22 -26.32 -17.53
C ILE B 294 12.80 -27.75 -17.87
N THR B 295 13.15 -28.20 -19.07
CA THR B 295 12.87 -29.56 -19.50
C THR B 295 14.08 -30.47 -19.25
N LYS B 296 13.93 -31.76 -19.51
CA LYS B 296 15.00 -32.73 -19.25
C LYS B 296 16.14 -32.60 -20.27
N ASP B 297 15.82 -32.14 -21.47
CA ASP B 297 16.84 -31.96 -22.51
C ASP B 297 17.54 -30.62 -22.34
N GLU B 298 16.90 -29.70 -21.60
CA GLU B 298 17.53 -28.44 -21.24
C GLU B 298 18.40 -28.63 -20.00
N ALA B 299 18.01 -29.58 -19.16
CA ALA B 299 18.80 -29.93 -17.99
C ALA B 299 20.08 -30.63 -18.44
N GLU B 300 19.94 -31.51 -19.41
CA GLU B 300 21.09 -32.22 -19.98
C GLU B 300 21.90 -31.28 -20.87
N LYS B 301 21.23 -30.28 -21.44
CA LYS B 301 21.93 -29.27 -22.25
C LYS B 301 22.99 -28.59 -21.41
N LEU B 302 22.60 -28.11 -20.23
CA LEU B 302 23.51 -27.41 -19.34
C LEU B 302 24.41 -28.39 -18.58
N PHE B 303 24.10 -29.68 -18.68
CA PHE B 303 24.91 -30.71 -18.03
C PHE B 303 26.10 -31.10 -18.92
N ASN B 304 25.87 -31.13 -20.22
CA ASN B 304 26.93 -31.46 -21.17
C ASN B 304 27.87 -30.28 -21.39
N GLN B 305 27.40 -29.09 -21.03
CA GLN B 305 28.23 -27.88 -21.11
C GLN B 305 29.11 -27.75 -19.87
N ASP B 306 28.77 -28.48 -18.81
CA ASP B 306 29.53 -28.44 -17.55
C ASP B 306 30.59 -29.53 -17.51
N VAL B 307 30.23 -30.74 -17.95
CA VAL B 307 31.19 -31.84 -17.98
C VAL B 307 32.25 -31.59 -19.04
N ASP B 308 31.81 -31.14 -20.22
CA ASP B 308 32.71 -30.86 -21.33
C ASP B 308 33.71 -29.77 -20.97
N ALA B 309 33.39 -29.00 -19.92
CA ALA B 309 34.28 -27.97 -19.41
C ALA B 309 35.21 -28.52 -18.33
N ALA B 310 34.75 -29.55 -17.62
CA ALA B 310 35.56 -30.15 -16.57
C ALA B 310 36.79 -30.83 -17.16
N VAL B 311 36.61 -31.45 -18.32
CA VAL B 311 37.73 -32.06 -19.03
C VAL B 311 38.68 -30.96 -19.50
N ARG B 312 38.12 -29.82 -19.88
CA ARG B 312 38.92 -28.66 -20.28
C ARG B 312 39.62 -28.04 -19.08
N GLY B 313 38.87 -27.85 -17.99
CA GLY B 313 39.42 -27.26 -16.78
C GLY B 313 40.63 -28.00 -16.26
N ILE B 314 40.73 -29.28 -16.64
CA ILE B 314 41.84 -30.13 -16.22
C ILE B 314 43.00 -30.05 -17.20
N LEU B 315 42.70 -30.18 -18.48
CA LEU B 315 43.70 -30.17 -19.53
C LEU B 315 44.27 -28.76 -19.75
N ARG B 316 43.59 -27.76 -19.20
CA ARG B 316 44.06 -26.38 -19.27
C ARG B 316 44.88 -26.02 -18.03
N ASN B 317 45.12 -27.01 -17.16
CA ASN B 317 45.82 -26.79 -15.91
C ASN B 317 47.12 -27.57 -15.84
N ALA B 318 48.22 -26.87 -15.59
CA ALA B 318 49.54 -27.49 -15.52
C ALA B 318 49.74 -28.25 -14.20
N LYS B 319 48.76 -28.16 -13.30
CA LYS B 319 48.79 -28.91 -12.05
C LYS B 319 48.06 -30.23 -12.21
N LEU B 320 46.91 -30.18 -12.88
CA LEU B 320 46.02 -31.34 -12.99
C LEU B 320 46.30 -32.18 -14.23
N LYS B 321 46.64 -31.55 -15.35
CA LYS B 321 46.88 -32.28 -16.58
C LYS B 321 48.00 -33.32 -16.44
N PRO B 322 49.07 -32.99 -15.71
CA PRO B 322 50.09 -34.01 -15.45
C PRO B 322 49.52 -35.25 -14.75
N VAL B 323 48.47 -35.06 -13.97
CA VAL B 323 47.81 -36.16 -13.24
C VAL B 323 46.81 -36.88 -14.15
N TYR B 324 45.96 -36.10 -14.81
CA TYR B 324 44.91 -36.63 -15.68
C TYR B 324 45.48 -37.57 -16.74
N ASP B 325 46.63 -37.22 -17.29
CA ASP B 325 47.27 -38.03 -18.32
C ASP B 325 47.90 -39.29 -17.74
N SER B 326 48.40 -39.20 -16.51
CA SER B 326 49.09 -40.31 -15.87
C SER B 326 48.13 -41.18 -15.06
N LEU B 327 46.83 -41.02 -15.31
CA LEU B 327 45.80 -41.85 -14.67
C LEU B 327 44.96 -42.58 -15.70
N ASP B 328 44.48 -43.76 -15.32
CA ASP B 328 43.63 -44.57 -16.18
C ASP B 328 42.21 -44.00 -16.24
N ALA B 329 41.35 -44.64 -17.05
CA ALA B 329 40.02 -44.12 -17.33
C ALA B 329 39.15 -43.94 -16.08
N VAL B 330 39.23 -44.87 -15.15
CA VAL B 330 38.38 -44.82 -13.96
C VAL B 330 38.79 -43.69 -13.03
N ARG B 331 40.10 -43.59 -12.77
CA ARG B 331 40.62 -42.56 -11.88
C ARG B 331 40.51 -41.19 -12.52
N ARG B 332 40.50 -41.15 -13.84
CA ARG B 332 40.28 -39.90 -14.58
C ARG B 332 38.89 -39.34 -14.26
N ALA B 333 37.91 -40.22 -14.13
CA ALA B 333 36.56 -39.81 -13.78
C ALA B 333 36.50 -39.31 -12.34
N ALA B 334 37.19 -40.01 -11.45
CA ALA B 334 37.26 -39.62 -10.06
C ALA B 334 37.94 -38.26 -9.91
N LEU B 335 38.78 -37.93 -10.89
CA LEU B 335 39.47 -36.64 -10.91
C LEU B 335 38.52 -35.56 -11.43
N ILE B 336 37.83 -35.86 -12.53
CA ILE B 336 36.86 -34.95 -13.12
C ILE B 336 35.71 -34.69 -12.15
N ASN B 337 35.42 -35.68 -11.31
CA ASN B 337 34.37 -35.54 -10.31
C ASN B 337 34.73 -34.45 -9.31
N MET B 338 36.02 -34.36 -8.97
CA MET B 338 36.49 -33.37 -8.01
C MET B 338 36.58 -31.98 -8.62
N VAL B 339 36.94 -31.92 -9.90
CA VAL B 339 37.04 -30.63 -10.58
C VAL B 339 35.65 -30.10 -10.89
N PHE B 340 34.70 -31.00 -11.10
CA PHE B 340 33.30 -30.62 -11.30
C PHE B 340 32.70 -30.10 -10.00
N GLN B 341 33.22 -30.60 -8.88
CA GLN B 341 32.66 -30.32 -7.57
C GLN B 341 33.19 -29.01 -6.98
N MET B 342 34.45 -28.68 -7.31
CA MET B 342 35.11 -27.54 -6.70
C MET B 342 35.71 -26.57 -7.72
N GLY B 343 36.24 -27.11 -8.81
CA GLY B 343 36.85 -26.30 -9.85
C GLY B 343 38.33 -26.64 -10.03
N GLU B 344 38.96 -26.06 -11.06
CA GLU B 344 40.34 -26.39 -11.36
C GLU B 344 41.28 -25.78 -10.33
N THR B 345 40.87 -24.67 -9.71
CA THR B 345 41.68 -24.03 -8.69
C THR B 345 41.62 -24.83 -7.38
N GLY B 346 40.44 -25.38 -7.09
CA GLY B 346 40.23 -26.10 -5.85
C GLY B 346 40.99 -27.41 -5.81
N VAL B 347 40.75 -28.26 -6.81
CA VAL B 347 41.40 -29.57 -6.89
C VAL B 347 42.91 -29.41 -6.94
N ALA B 348 43.37 -28.31 -7.55
CA ALA B 348 44.79 -28.00 -7.61
C ALA B 348 45.33 -27.57 -6.25
N GLY B 349 44.47 -27.57 -5.23
CA GLY B 349 44.89 -27.30 -3.87
C GLY B 349 45.37 -28.56 -3.15
N PHE B 350 45.09 -29.72 -3.75
CA PHE B 350 45.53 -30.99 -3.19
C PHE B 350 46.87 -31.41 -3.78
N THR B 351 47.95 -30.93 -3.19
CA THR B 351 49.29 -31.23 -3.69
C THR B 351 49.69 -32.68 -3.42
N ASN B 352 49.71 -33.06 -2.15
CA ASN B 352 50.18 -34.38 -1.73
C ASN B 352 49.36 -35.52 -2.33
N SER B 353 48.04 -35.36 -2.37
CA SER B 353 47.16 -36.37 -2.93
C SER B 353 47.43 -36.53 -4.43
N LEU B 354 47.43 -35.41 -5.16
CA LEU B 354 47.71 -35.43 -6.59
C LEU B 354 49.16 -35.85 -6.85
N ARG B 355 50.03 -35.60 -5.88
CA ARG B 355 51.41 -36.04 -5.97
C ARG B 355 51.47 -37.56 -5.85
N MET B 356 50.67 -38.11 -4.93
CA MET B 356 50.68 -39.54 -4.66
C MET B 356 49.91 -40.32 -5.72
N LEU B 357 48.80 -39.76 -6.20
CA LEU B 357 48.04 -40.38 -7.27
C LEU B 357 48.86 -40.41 -8.56
N GLN B 358 49.86 -39.53 -8.64
CA GLN B 358 50.79 -39.52 -9.76
C GLN B 358 51.91 -40.51 -9.47
N GLN B 359 52.32 -40.56 -8.21
CA GLN B 359 53.23 -41.60 -7.74
C GLN B 359 52.49 -42.94 -7.65
N LYS B 360 51.17 -42.89 -7.83
CA LYS B 360 50.31 -44.06 -7.82
C LYS B 360 50.28 -44.75 -6.46
N ARG B 361 50.68 -44.02 -5.42
CA ARG B 361 50.62 -44.54 -4.07
C ARG B 361 49.17 -44.54 -3.58
N TRP B 362 48.44 -45.61 -3.87
CA TRP B 362 47.01 -45.68 -3.56
C TRP B 362 46.77 -45.74 -2.05
N ASP B 363 47.60 -46.52 -1.36
CA ASP B 363 47.44 -46.70 0.08
C ASP B 363 47.69 -45.41 0.84
N GLU B 364 48.62 -44.60 0.34
CA GLU B 364 48.98 -43.34 0.96
C GLU B 364 48.04 -42.21 0.52
N ALA B 365 47.56 -42.29 -0.71
CA ALA B 365 46.74 -41.21 -1.28
C ALA B 365 45.31 -41.24 -0.75
N ALA B 366 44.77 -42.43 -0.57
CA ALA B 366 43.40 -42.59 -0.07
C ALA B 366 43.26 -42.04 1.34
N VAL B 367 44.37 -41.96 2.06
CA VAL B 367 44.38 -41.43 3.42
C VAL B 367 44.45 -39.89 3.40
N ASN B 368 45.16 -39.35 2.41
CA ASN B 368 45.36 -37.90 2.32
C ASN B 368 44.13 -37.18 1.77
N LEU B 369 43.24 -37.93 1.12
CA LEU B 369 42.01 -37.36 0.57
C LEU B 369 40.90 -37.35 1.62
N ALA B 370 41.01 -38.22 2.62
CA ALA B 370 40.03 -38.29 3.69
C ALA B 370 40.20 -37.11 4.64
N LYS B 371 41.45 -36.77 4.94
CA LYS B 371 41.75 -35.64 5.80
C LYS B 371 41.59 -34.33 5.02
N SER B 372 40.35 -33.95 4.74
CA SER B 372 40.09 -32.73 3.99
C SER B 372 38.65 -32.26 4.17
N ARG B 373 38.43 -30.96 3.99
CA ARG B 373 37.09 -30.37 4.10
C ARG B 373 36.15 -30.99 3.07
N TRP B 374 36.71 -31.52 2.00
CA TRP B 374 35.93 -32.21 0.98
C TRP B 374 35.28 -33.48 1.52
N TYR B 375 35.96 -34.13 2.45
CA TYR B 375 35.47 -35.37 3.03
C TYR B 375 34.38 -35.10 4.08
N ASN B 376 34.55 -34.04 4.85
CA ASN B 376 33.60 -33.71 5.90
C ASN B 376 32.27 -33.24 5.35
N GLN B 377 32.32 -32.39 4.33
CA GLN B 377 31.12 -31.80 3.76
C GLN B 377 30.24 -32.86 3.09
N THR B 378 30.89 -33.86 2.49
CA THR B 378 30.18 -34.93 1.80
C THR B 378 30.92 -36.26 1.93
N PRO B 379 30.85 -36.87 3.14
CA PRO B 379 31.54 -38.14 3.40
C PRO B 379 31.08 -39.26 2.48
N ASN B 380 29.77 -39.39 2.30
CA ASN B 380 29.22 -40.42 1.42
C ASN B 380 29.83 -40.34 0.02
N ARG B 381 29.75 -39.16 -0.58
CA ARG B 381 30.32 -38.93 -1.91
C ARG B 381 31.83 -39.07 -1.87
N ALA B 382 32.44 -38.64 -0.76
CA ALA B 382 33.89 -38.72 -0.60
C ALA B 382 34.34 -40.18 -0.57
N LYS B 383 33.60 -41.00 0.17
CA LYS B 383 33.87 -42.43 0.22
C LYS B 383 33.80 -43.04 -1.18
N ARG B 384 32.82 -42.59 -1.96
CA ARG B 384 32.61 -43.12 -3.30
C ARG B 384 33.73 -42.73 -4.25
N VAL B 385 34.23 -41.52 -4.12
CA VAL B 385 35.33 -41.04 -4.96
C VAL B 385 36.64 -41.70 -4.52
N ILE B 386 36.93 -41.64 -3.23
CA ILE B 386 38.14 -42.23 -2.67
C ILE B 386 38.16 -43.74 -2.94
N THR B 387 36.99 -44.36 -2.92
CA THR B 387 36.87 -45.77 -3.28
C THR B 387 37.25 -45.96 -4.75
N THR B 388 36.79 -45.05 -5.60
CA THR B 388 37.07 -45.11 -7.03
C THR B 388 38.56 -44.95 -7.31
N PHE B 389 39.27 -44.26 -6.42
CA PHE B 389 40.72 -44.09 -6.56
C PHE B 389 41.49 -45.29 -6.03
N ARG B 390 41.08 -45.81 -4.87
CA ARG B 390 41.81 -46.89 -4.23
C ARG B 390 41.51 -48.25 -4.87
N THR B 391 40.23 -48.58 -4.98
CA THR B 391 39.82 -49.88 -5.50
C THR B 391 40.07 -49.98 -7.01
N GLY B 392 39.91 -48.85 -7.70
CA GLY B 392 40.11 -48.81 -9.14
C GLY B 392 38.95 -49.39 -9.90
N THR B 393 37.84 -49.64 -9.20
CA THR B 393 36.63 -50.20 -9.80
C THR B 393 35.43 -49.33 -9.45
N TRP B 394 34.22 -49.85 -9.69
CA TRP B 394 32.98 -49.12 -9.41
C TRP B 394 32.21 -49.74 -8.25
N ASP B 395 32.93 -50.30 -7.28
CA ASP B 395 32.29 -50.93 -6.12
C ASP B 395 31.52 -49.93 -5.27
N ALA B 396 31.72 -48.64 -5.55
CA ALA B 396 31.08 -47.57 -4.78
C ALA B 396 29.74 -47.16 -5.37
N TYR B 397 29.30 -47.86 -6.41
CA TYR B 397 28.05 -47.51 -7.10
C TYR B 397 27.26 -48.75 -7.55
N LYS B 398 27.77 -49.94 -7.25
CA LYS B 398 27.06 -51.17 -7.57
C LYS B 398 25.79 -51.31 -6.73
N ASN B 399 25.74 -50.57 -5.64
CA ASN B 399 24.63 -50.64 -4.70
C ASN B 399 23.68 -49.44 -4.84
N LEU B 400 24.19 -48.35 -5.41
CA LEU B 400 23.39 -47.15 -5.65
C LEU B 400 22.88 -47.09 -7.09
#